data_5G62
#
_entry.id   5G62
#
_cell.length_a   122.580
_cell.length_b   122.580
_cell.length_c   169.470
_cell.angle_alpha   90.00
_cell.angle_beta   90.00
_cell.angle_gamma   90.00
#
_symmetry.space_group_name_H-M   'P 43 21 2'
#
loop_
_entity.id
_entity.type
_entity.pdbx_description
1 polymer 'ABC TRANSPORTER, SUBSTRATE-BINDING PROTEIN'
2 branched beta-D-fructofuranose-(2-1)-beta-D-fructofuranose-(2-1)-beta-D-fructofuranose-(2-1)-beta-D-sorbofuranose-(2-1)-beta-L-talopyranose
3 non-polymer 'CALCIUM ION'
4 water water
#
_entity_poly.entity_id   1
_entity_poly.type   'polypeptide(L)'
_entity_poly.pdbx_seq_one_letter_code
;GPKTLKFMTASSPLSPKDPNEKLILQRLEKETGVHIDWTNYQSDFAEKRNLDISSGDLPDAIHNDGASDVDLMNWAKKGV
IIPVEDLIDKYMPNLKKILDEKPEYKALMTAPDGHIYSFPWIEELGDGKESIHSVNDMAWINKDWLKKLGLEMPKTTDDL
IKVLEAFKNGDPNGNGEAAAIPFSFISGNGNEDFKFLFAAFGIGDNDDHLVVGNDGKVDFTADNDNYKEGVKFIRQLQEK
GLIDKEAFEHDWNSYIAKGHDQKFGVYFTWDKNNVTGSNESYDVLPVLAGPSGQKHVARTNGMGFARDKMVITSVNKNLE
LTAKWIDAQYAPLQSVQNNWGTYGDDKQQNIFELDQASNSLKHLPLNGTAPAELRQKTEVGGPLAILDSYYGKVTTMPDD
AKWRLDLIKEYYVPYMSNVNNYPRVFMTQEDLDKIAHIEADMNDYIYRKRAEWIVNGNIDTEWDDYKKELEKYGLSDYLA
IKQKYYDQYQANKN
;
_entity_poly.pdbx_strand_id   A,B
#
# COMPACT_ATOMS: atom_id res chain seq x y z
N LYS A 3 -1.94 -34.91 -19.43
CA LYS A 3 -3.02 -35.24 -18.53
C LYS A 3 -3.18 -34.21 -17.41
N THR A 4 -2.09 -33.61 -16.93
CA THR A 4 -2.14 -32.67 -15.80
C THR A 4 -1.35 -31.43 -16.14
N LEU A 5 -1.85 -30.28 -15.70
CA LEU A 5 -1.16 -29.00 -15.78
C LEU A 5 -1.31 -28.28 -14.44
N LYS A 6 -0.32 -27.47 -14.09
CA LYS A 6 -0.32 -26.68 -12.86
C LYS A 6 -0.56 -25.21 -13.21
N PHE A 7 -1.69 -24.67 -12.78
CA PHE A 7 -2.05 -23.28 -13.04
C PHE A 7 -2.16 -22.55 -11.69
N MET A 8 -1.56 -21.36 -11.61
CA MET A 8 -1.89 -20.41 -10.54
C MET A 8 -3.15 -19.67 -10.94
N THR A 9 -4.00 -19.32 -9.97
CA THR A 9 -5.21 -18.58 -10.32
C THR A 9 -5.60 -17.62 -9.20
N ALA A 10 -6.53 -16.73 -9.54
CA ALA A 10 -7.14 -15.79 -8.58
C ALA A 10 -8.64 -16.08 -8.54
N SER A 11 -9.18 -16.22 -7.34
CA SER A 11 -10.62 -16.40 -7.17
C SER A 11 -11.10 -15.65 -5.92
N SER A 12 -12.42 -15.51 -5.82
CA SER A 12 -13.04 -14.85 -4.68
C SER A 12 -12.91 -15.69 -3.40
N PRO A 13 -12.70 -15.05 -2.26
CA PRO A 13 -12.74 -15.81 -1.00
C PRO A 13 -14.12 -16.42 -0.71
N LEU A 14 -15.18 -16.05 -1.42
CA LEU A 14 -16.43 -16.77 -1.23
C LEU A 14 -16.47 -18.11 -1.96
N SER A 15 -15.50 -18.40 -2.80
CA SER A 15 -15.48 -19.57 -3.65
C SER A 15 -14.62 -20.63 -3.00
N PRO A 16 -14.68 -21.89 -3.46
CA PRO A 16 -13.96 -22.96 -2.76
C PRO A 16 -12.45 -22.78 -2.84
N LYS A 17 -11.76 -23.16 -1.76
CA LYS A 17 -10.30 -23.15 -1.75
C LYS A 17 -9.72 -23.92 -2.93
N ASP A 18 -10.27 -25.10 -3.20
CA ASP A 18 -9.85 -25.85 -4.38
C ASP A 18 -10.77 -25.51 -5.55
N PRO A 19 -10.29 -24.80 -6.57
CA PRO A 19 -11.17 -24.50 -7.72
C PRO A 19 -11.88 -25.69 -8.32
N ASN A 20 -11.30 -26.90 -8.26
CA ASN A 20 -11.95 -28.05 -8.88
C ASN A 20 -13.25 -28.44 -8.21
N GLU A 21 -13.61 -27.85 -7.08
CA GLU A 21 -14.94 -28.08 -6.55
C GLU A 21 -16.03 -27.30 -7.27
N LYS A 22 -15.69 -26.29 -8.06
CA LYS A 22 -16.69 -25.57 -8.83
C LYS A 22 -17.28 -26.47 -9.92
N LEU A 23 -18.59 -26.35 -10.13
CA LEU A 23 -19.27 -27.16 -11.11
C LEU A 23 -18.70 -26.96 -12.51
N ILE A 24 -18.39 -25.73 -12.88
CA ILE A 24 -17.86 -25.46 -14.21
C ILE A 24 -16.57 -26.26 -14.43
N LEU A 25 -15.69 -26.32 -13.42
CA LEU A 25 -14.38 -26.94 -13.60
C LEU A 25 -14.46 -28.48 -13.50
N GLN A 26 -15.43 -29.03 -12.76
CA GLN A 26 -15.71 -30.46 -12.84
C GLN A 26 -16.10 -30.86 -14.26
N ARG A 27 -17.10 -30.18 -14.82
CA ARG A 27 -17.52 -30.49 -16.20
C ARG A 27 -16.39 -30.27 -17.20
N LEU A 28 -15.56 -29.23 -16.99
CA LEU A 28 -14.53 -28.92 -17.96
C LEU A 28 -13.46 -30.00 -17.99
N GLU A 29 -13.15 -30.57 -16.82
CA GLU A 29 -12.19 -31.66 -16.79
C GLU A 29 -12.71 -32.85 -17.61
N LYS A 30 -13.99 -33.19 -17.48
CA LYS A 30 -14.58 -34.25 -18.33
C LYS A 30 -14.44 -33.89 -19.81
N GLU A 31 -14.80 -32.67 -20.20
CA GLU A 31 -14.75 -32.24 -21.59
C GLU A 31 -13.34 -32.30 -22.17
N THR A 32 -12.35 -31.81 -21.44
CA THR A 32 -10.99 -31.66 -21.96
C THR A 32 -10.10 -32.85 -21.70
N GLY A 33 -10.45 -33.71 -20.74
CA GLY A 33 -9.55 -34.76 -20.27
C GLY A 33 -8.33 -34.27 -19.54
N VAL A 34 -8.27 -33.00 -19.13
CA VAL A 34 -7.08 -32.45 -18.48
C VAL A 34 -7.42 -32.06 -17.06
N HIS A 35 -6.60 -32.53 -16.10
CA HIS A 35 -6.76 -32.20 -14.69
C HIS A 35 -5.86 -31.02 -14.37
N ILE A 36 -6.42 -29.98 -13.75
CA ILE A 36 -5.63 -28.83 -13.35
C ILE A 36 -5.35 -28.92 -11.86
N ASP A 37 -4.09 -28.87 -11.48
CA ASP A 37 -3.70 -28.67 -10.10
C ASP A 37 -3.52 -27.17 -9.89
N TRP A 38 -4.37 -26.58 -9.07
CA TRP A 38 -4.41 -25.12 -8.89
C TRP A 38 -3.55 -24.66 -7.71
N THR A 39 -2.81 -23.58 -7.90
CA THR A 39 -2.38 -22.69 -6.80
C THR A 39 -3.38 -21.53 -6.78
N ASN A 40 -4.30 -21.55 -5.82
CA ASN A 40 -5.43 -20.62 -5.78
C ASN A 40 -5.22 -19.55 -4.71
N TYR A 41 -4.89 -18.32 -5.12
CA TYR A 41 -4.76 -17.19 -4.21
C TYR A 41 -6.07 -16.41 -4.18
N GLN A 42 -6.73 -16.41 -3.03
CA GLN A 42 -8.02 -15.75 -2.87
C GLN A 42 -7.92 -14.39 -2.20
N SER A 43 -6.71 -13.95 -1.84
CA SER A 43 -6.50 -12.57 -1.39
C SER A 43 -5.08 -12.18 -1.70
N ASP A 44 -4.88 -10.91 -2.02
CA ASP A 44 -3.56 -10.36 -2.33
C ASP A 44 -2.87 -11.19 -3.42
N PHE A 45 -3.66 -11.51 -4.45
CA PHE A 45 -3.15 -12.35 -5.54
C PHE A 45 -1.87 -11.77 -6.11
N ALA A 46 -1.85 -10.46 -6.40
CA ALA A 46 -0.75 -9.89 -7.16
C ALA A 46 0.56 -9.98 -6.39
N GLU A 47 0.51 -9.71 -5.10
CA GLU A 47 1.67 -9.83 -4.24
C GLU A 47 2.15 -11.29 -4.12
N LYS A 48 1.24 -12.23 -3.96
CA LYS A 48 1.65 -13.63 -3.86
C LYS A 48 2.19 -14.17 -5.18
N ARG A 49 1.60 -13.77 -6.30
CA ARG A 49 2.12 -14.10 -7.63
C ARG A 49 3.53 -13.55 -7.82
N ASN A 50 3.75 -12.28 -7.44
CA ASN A 50 5.07 -11.70 -7.59
C ASN A 50 6.10 -12.44 -6.74
N LEU A 51 5.72 -12.89 -5.55
CA LEU A 51 6.63 -13.70 -4.74
C LEU A 51 6.97 -15.01 -5.44
N ASP A 52 5.99 -15.67 -6.04
CA ASP A 52 6.28 -16.91 -6.76
C ASP A 52 7.23 -16.67 -7.92
N ILE A 53 7.02 -15.61 -8.70
CA ILE A 53 7.90 -15.33 -9.83
C ILE A 53 9.31 -14.99 -9.36
N SER A 54 9.43 -14.10 -8.34
CA SER A 54 10.73 -13.74 -7.79
C SER A 54 11.50 -14.95 -7.27
N SER A 55 10.82 -15.89 -6.63
CA SER A 55 11.51 -17.03 -6.06
C SER A 55 11.73 -18.18 -7.06
N GLY A 56 11.30 -18.05 -8.30
CA GLY A 56 11.47 -19.13 -9.27
C GLY A 56 10.49 -20.27 -9.14
N ASP A 57 9.37 -20.07 -8.45
CA ASP A 57 8.36 -21.11 -8.24
C ASP A 57 7.23 -20.92 -9.25
N LEU A 58 7.54 -21.25 -10.56
CA LEU A 58 6.62 -20.92 -11.64
C LEU A 58 5.66 -22.07 -11.90
N PRO A 59 4.40 -21.79 -12.21
CA PRO A 59 3.48 -22.84 -12.64
C PRO A 59 3.60 -23.01 -14.17
N ASP A 60 2.79 -23.87 -14.78
CA ASP A 60 2.75 -23.96 -16.25
C ASP A 60 2.16 -22.70 -16.90
N ALA A 61 1.26 -22.01 -16.19
CA ALA A 61 0.58 -20.83 -16.69
C ALA A 61 -0.08 -20.11 -15.50
N ILE A 62 -0.29 -18.83 -15.64
CA ILE A 62 -0.98 -18.03 -14.62
C ILE A 62 -2.34 -17.67 -15.17
N HIS A 63 -3.36 -18.24 -14.58
CA HIS A 63 -4.74 -18.09 -15.01
C HIS A 63 -5.41 -16.94 -14.26
N ASN A 64 -6.26 -16.17 -14.96
CA ASN A 64 -7.00 -15.04 -14.39
C ASN A 64 -6.01 -13.99 -13.85
N ASP A 65 -4.95 -13.74 -14.63
CA ASP A 65 -3.74 -13.06 -14.14
C ASP A 65 -3.95 -11.56 -13.92
N GLY A 66 -4.44 -10.84 -14.93
CA GLY A 66 -4.62 -9.38 -14.78
C GLY A 66 -3.37 -8.53 -14.61
N ALA A 67 -2.24 -8.93 -15.17
CA ALA A 67 -1.02 -8.17 -14.96
C ALA A 67 -1.07 -6.82 -15.68
N SER A 68 -0.35 -5.84 -15.13
CA SER A 68 -0.19 -4.57 -15.84
C SER A 68 0.69 -4.78 -17.06
N ASP A 69 0.62 -3.84 -17.99
CA ASP A 69 1.50 -3.87 -19.16
C ASP A 69 2.98 -3.88 -18.77
N VAL A 70 3.37 -3.04 -17.80
CA VAL A 70 4.80 -3.00 -17.47
C VAL A 70 5.25 -4.36 -16.94
N ASP A 71 4.43 -4.99 -16.11
CA ASP A 71 4.72 -6.35 -15.64
C ASP A 71 4.82 -7.33 -16.80
N LEU A 72 3.84 -7.28 -17.71
CA LEU A 72 3.83 -8.13 -18.88
C LEU A 72 5.14 -8.07 -19.66
N MET A 73 5.55 -6.85 -20.06
CA MET A 73 6.76 -6.71 -20.87
C MET A 73 8.02 -7.10 -20.08
N ASN A 74 8.07 -6.78 -18.78
CA ASN A 74 9.24 -7.17 -18.01
C ASN A 74 9.36 -8.68 -17.95
N TRP A 75 8.23 -9.38 -17.76
CA TRP A 75 8.29 -10.84 -17.76
C TRP A 75 8.70 -11.36 -19.14
N ALA A 76 8.21 -10.72 -20.21
CA ALA A 76 8.59 -11.15 -21.55
C ALA A 76 10.06 -10.92 -21.80
N LYS A 77 10.58 -9.73 -21.44
CA LYS A 77 12.01 -9.46 -21.62
C LYS A 77 12.87 -10.49 -20.89
N LYS A 78 12.47 -10.90 -19.69
CA LYS A 78 13.27 -11.85 -18.92
C LYS A 78 12.97 -13.31 -19.25
N GLY A 79 12.13 -13.58 -20.23
CA GLY A 79 11.78 -14.95 -20.55
C GLY A 79 10.98 -15.67 -19.48
N VAL A 80 10.33 -14.94 -18.56
CA VAL A 80 9.44 -15.59 -17.60
C VAL A 80 8.19 -16.13 -18.29
N ILE A 81 7.61 -15.36 -19.21
CA ILE A 81 6.51 -15.83 -20.03
C ILE A 81 6.96 -15.87 -21.49
N ILE A 82 6.18 -16.54 -22.33
CA ILE A 82 6.55 -16.72 -23.75
C ILE A 82 5.59 -16.01 -24.70
N PRO A 83 6.02 -15.66 -25.91
CA PRO A 83 5.06 -15.18 -26.93
C PRO A 83 4.18 -16.33 -27.38
N VAL A 84 2.94 -15.99 -27.78
CA VAL A 84 1.94 -17.02 -28.01
C VAL A 84 1.28 -16.95 -29.39
N GLU A 85 1.64 -15.98 -30.24
CA GLU A 85 0.91 -15.84 -31.51
C GLU A 85 1.01 -17.09 -32.38
N ASP A 86 2.13 -17.81 -32.31
CA ASP A 86 2.25 -19.06 -33.07
C ASP A 86 1.36 -20.16 -32.53
N LEU A 87 1.11 -20.18 -31.21
CA LEU A 87 0.22 -21.16 -30.64
C LEU A 87 -1.21 -20.91 -31.05
N ILE A 88 -1.59 -19.63 -31.09
CA ILE A 88 -2.93 -19.26 -31.56
C ILE A 88 -3.13 -19.77 -33.00
N ASP A 89 -2.19 -19.42 -33.86
CA ASP A 89 -2.30 -19.78 -35.26
C ASP A 89 -2.39 -21.29 -35.47
N LYS A 90 -1.60 -22.06 -34.71
CA LYS A 90 -1.57 -23.50 -34.96
C LYS A 90 -2.72 -24.25 -34.28
N TYR A 91 -3.11 -23.85 -33.07
CA TYR A 91 -3.92 -24.74 -32.25
C TYR A 91 -5.21 -24.15 -31.72
N MET A 92 -5.60 -22.93 -32.08
CA MET A 92 -6.70 -22.28 -31.37
C MET A 92 -7.80 -21.81 -32.32
N PRO A 93 -8.59 -22.73 -32.88
CA PRO A 93 -9.65 -22.32 -33.82
C PRO A 93 -10.76 -21.49 -33.21
N ASN A 94 -11.17 -21.72 -31.96
CA ASN A 94 -12.19 -20.86 -31.35
C ASN A 94 -11.70 -19.42 -31.27
N LEU A 95 -10.49 -19.22 -30.75
CA LEU A 95 -9.96 -17.87 -30.64
C LEU A 95 -9.77 -17.22 -32.01
N LYS A 96 -9.25 -17.98 -32.99
CA LYS A 96 -9.06 -17.43 -34.33
C LYS A 96 -10.38 -16.97 -34.94
N LYS A 97 -11.45 -17.70 -34.69
CA LYS A 97 -12.76 -17.30 -35.18
C LYS A 97 -13.23 -15.97 -34.56
N ILE A 98 -12.98 -15.79 -33.26
CA ILE A 98 -13.31 -14.51 -32.63
C ILE A 98 -12.51 -13.38 -33.26
N LEU A 99 -11.20 -13.57 -33.47
CA LEU A 99 -10.42 -12.50 -34.08
C LEU A 99 -10.81 -12.25 -35.54
N ASP A 100 -11.38 -13.24 -36.23
CA ASP A 100 -11.94 -13.02 -37.56
C ASP A 100 -13.26 -12.25 -37.50
N GLU A 101 -14.14 -12.50 -36.52
CA GLU A 101 -15.35 -11.71 -36.40
CA GLU A 101 -15.36 -11.70 -36.40
C GLU A 101 -15.05 -10.27 -35.97
N LYS A 102 -14.08 -10.06 -35.08
CA LYS A 102 -13.76 -8.71 -34.60
C LYS A 102 -12.27 -8.49 -34.63
N PRO A 103 -11.72 -8.15 -35.81
CA PRO A 103 -10.26 -8.04 -35.96
C PRO A 103 -9.62 -6.93 -35.15
N GLU A 104 -10.38 -5.92 -34.72
CA GLU A 104 -9.84 -4.88 -33.86
C GLU A 104 -9.15 -5.47 -32.61
N TYR A 105 -9.61 -6.61 -32.11
CA TYR A 105 -8.99 -7.17 -30.91
C TYR A 105 -7.56 -7.66 -31.15
N LYS A 106 -7.23 -8.12 -32.38
CA LYS A 106 -5.87 -8.54 -32.69
C LYS A 106 -4.87 -7.45 -32.38
N ALA A 107 -5.18 -6.24 -32.82
CA ALA A 107 -4.28 -5.13 -32.58
C ALA A 107 -4.14 -4.84 -31.09
N LEU A 108 -5.23 -4.95 -30.33
CA LEU A 108 -5.19 -4.75 -28.87
C LEU A 108 -4.40 -5.84 -28.15
N MET A 109 -4.17 -7.00 -28.76
CA MET A 109 -3.40 -8.06 -28.12
C MET A 109 -1.90 -7.97 -28.39
N THR A 110 -1.46 -7.10 -29.29
CA THR A 110 -0.12 -7.20 -29.85
C THR A 110 0.77 -6.11 -29.27
N ALA A 111 1.90 -6.51 -28.70
CA ALA A 111 2.87 -5.58 -28.13
C ALA A 111 3.59 -4.81 -29.23
N PRO A 112 4.24 -3.70 -28.88
CA PRO A 112 4.96 -2.95 -29.92
C PRO A 112 6.10 -3.74 -30.55
N ASP A 113 6.58 -4.80 -29.94
CA ASP A 113 7.58 -5.65 -30.59
C ASP A 113 6.96 -6.67 -31.54
N GLY A 114 5.64 -6.65 -31.73
CA GLY A 114 4.94 -7.53 -32.63
C GLY A 114 4.57 -8.89 -32.09
N HIS A 115 4.83 -9.18 -30.83
CA HIS A 115 4.43 -10.46 -30.25
C HIS A 115 3.10 -10.31 -29.49
N ILE A 116 2.42 -11.44 -29.29
CA ILE A 116 1.30 -11.55 -28.36
C ILE A 116 1.78 -12.33 -27.14
N TYR A 117 1.53 -11.77 -25.95
CA TYR A 117 2.05 -12.34 -24.72
C TYR A 117 0.97 -12.85 -23.78
N SER A 118 -0.29 -12.59 -24.05
CA SER A 118 -1.32 -12.94 -23.10
C SER A 118 -2.64 -13.10 -23.83
N PHE A 119 -3.56 -13.78 -23.18
CA PHE A 119 -4.87 -14.08 -23.70
C PHE A 119 -5.91 -13.24 -22.99
N PRO A 120 -6.78 -12.54 -23.73
CA PRO A 120 -7.61 -11.50 -23.11
C PRO A 120 -9.00 -11.98 -22.70
N TRP A 121 -9.60 -11.15 -21.85
CA TRP A 121 -11.03 -11.14 -21.56
C TRP A 121 -11.71 -10.14 -22.49
N ILE A 122 -12.80 -10.54 -23.14
CA ILE A 122 -13.56 -9.72 -24.08
C ILE A 122 -15.04 -9.84 -23.69
N GLU A 123 -15.69 -8.68 -23.47
CA GLU A 123 -17.09 -8.66 -23.07
C GLU A 123 -17.72 -7.45 -23.72
N GLU A 124 -18.58 -7.67 -24.73
CA GLU A 124 -19.21 -6.58 -25.45
C GLU A 124 -20.53 -6.23 -24.79
N LEU A 125 -20.54 -5.14 -24.02
CA LEU A 125 -21.78 -4.61 -23.43
C LEU A 125 -21.86 -3.09 -23.65
N GLY A 126 -22.51 -2.69 -24.71
CA GLY A 126 -22.60 -1.30 -25.14
C GLY A 126 -21.32 -0.82 -25.77
N ASP A 127 -21.41 0.29 -26.49
CA ASP A 127 -20.29 0.85 -27.23
C ASP A 127 -20.20 2.37 -27.04
N GLY A 128 -18.97 2.89 -27.04
CA GLY A 128 -18.80 4.33 -26.97
C GLY A 128 -19.34 4.87 -25.66
N LYS A 129 -20.03 6.01 -25.71
CA LYS A 129 -20.60 6.58 -24.50
C LYS A 129 -21.55 5.60 -23.79
N GLU A 130 -22.19 4.72 -24.56
CA GLU A 130 -23.15 3.77 -24.03
C GLU A 130 -22.51 2.54 -23.42
N SER A 131 -21.18 2.40 -23.48
CA SER A 131 -20.50 1.32 -22.80
C SER A 131 -20.95 1.19 -21.34
N ILE A 132 -21.16 -0.06 -20.90
CA ILE A 132 -21.47 -0.32 -19.50
C ILE A 132 -20.37 0.18 -18.57
N HIS A 133 -19.16 0.37 -19.09
CA HIS A 133 -18.02 0.83 -18.31
C HIS A 133 -17.90 2.36 -18.22
N SER A 134 -18.73 3.12 -18.93
CA SER A 134 -18.57 4.56 -19.01
C SER A 134 -18.61 5.25 -17.63
N VAL A 135 -19.38 4.71 -16.68
CA VAL A 135 -19.44 5.15 -15.30
C VAL A 135 -19.33 3.90 -14.43
N ASN A 136 -18.39 3.89 -13.49
CA ASN A 136 -18.31 2.79 -12.56
C ASN A 136 -18.96 3.09 -11.21
N ASP A 137 -18.64 4.21 -10.59
CA ASP A 137 -19.11 4.54 -9.23
C ASP A 137 -20.38 5.39 -9.28
N MET A 138 -21.46 4.75 -9.74
CA MET A 138 -22.78 5.37 -9.77
C MET A 138 -23.22 5.77 -8.37
N ALA A 139 -23.94 6.88 -8.30
CA ALA A 139 -24.48 7.42 -7.05
C ALA A 139 -25.93 7.00 -6.93
N TRP A 140 -26.33 6.57 -5.73
CA TRP A 140 -27.65 6.07 -5.38
C TRP A 140 -28.14 6.84 -4.16
N ILE A 141 -29.45 7.04 -4.07
CA ILE A 141 -30.07 7.82 -2.99
C ILE A 141 -31.27 7.05 -2.44
N ASN A 142 -31.53 7.24 -1.15
CA ASN A 142 -32.64 6.62 -0.42
C ASN A 142 -33.89 7.45 -0.69
N LYS A 143 -34.70 6.97 -1.62
CA LYS A 143 -35.98 7.56 -1.99
C LYS A 143 -37.05 7.41 -0.91
N ASP A 144 -37.01 6.32 -0.12
CA ASP A 144 -37.90 6.24 1.02
C ASP A 144 -37.70 7.44 1.96
N TRP A 145 -36.45 7.87 2.16
CA TRP A 145 -36.20 8.98 3.08
C TRP A 145 -36.70 10.30 2.48
N LEU A 146 -36.44 10.50 1.19
CA LEU A 146 -37.01 11.62 0.46
C LEU A 146 -38.52 11.67 0.63
N LYS A 147 -39.19 10.54 0.45
CA LYS A 147 -40.64 10.54 0.57
C LYS A 147 -41.09 10.80 1.99
N LYS A 148 -40.44 10.16 2.96
CA LYS A 148 -40.79 10.33 4.36
C LYS A 148 -40.64 11.79 4.81
N LEU A 149 -39.62 12.48 4.33
CA LEU A 149 -39.32 13.83 4.75
C LEU A 149 -39.96 14.89 3.87
N GLY A 150 -40.67 14.51 2.82
CA GLY A 150 -41.30 15.49 1.95
C GLY A 150 -40.34 16.27 1.08
N LEU A 151 -39.24 15.65 0.64
CA LEU A 151 -38.19 16.27 -0.15
C LEU A 151 -38.28 15.83 -1.61
N GLU A 152 -37.97 16.74 -2.52
CA GLU A 152 -37.83 16.39 -3.93
C GLU A 152 -36.42 15.86 -4.20
N MET A 153 -36.29 15.04 -5.25
CA MET A 153 -34.99 14.64 -5.76
C MET A 153 -34.10 15.88 -6.00
N PRO A 154 -32.87 15.91 -5.48
CA PRO A 154 -31.99 17.05 -5.78
C PRO A 154 -31.75 17.22 -7.27
N LYS A 155 -31.66 18.47 -7.70
CA LYS A 155 -31.26 18.79 -9.06
C LYS A 155 -29.89 19.45 -9.12
N THR A 156 -29.41 19.97 -8.00
CA THR A 156 -28.18 20.74 -7.94
C THR A 156 -27.32 20.27 -6.77
N THR A 157 -26.04 20.64 -6.78
CA THR A 157 -25.19 20.32 -5.64
C THR A 157 -25.68 21.02 -4.35
N ASP A 158 -26.29 22.21 -4.49
CA ASP A 158 -26.88 22.88 -3.33
C ASP A 158 -28.10 22.12 -2.80
N ASP A 159 -28.97 21.63 -3.69
CA ASP A 159 -30.05 20.74 -3.28
C ASP A 159 -29.51 19.51 -2.55
N LEU A 160 -28.40 18.95 -3.04
CA LEU A 160 -27.85 17.76 -2.42
C LEU A 160 -27.43 18.07 -0.98
N ILE A 161 -26.78 19.21 -0.76
CA ILE A 161 -26.42 19.60 0.61
C ILE A 161 -27.66 19.66 1.50
N LYS A 162 -28.72 20.33 1.04
CA LYS A 162 -29.94 20.47 1.85
C LYS A 162 -30.60 19.12 2.12
N VAL A 163 -30.62 18.21 1.14
CA VAL A 163 -31.19 16.89 1.37
C VAL A 163 -30.38 16.11 2.39
N LEU A 164 -29.06 16.17 2.28
CA LEU A 164 -28.21 15.42 3.22
C LEU A 164 -28.34 15.99 4.65
N GLU A 165 -28.50 17.31 4.76
CA GLU A 165 -28.70 17.92 6.07
C GLU A 165 -30.07 17.51 6.66
N ALA A 166 -31.09 17.40 5.82
CA ALA A 166 -32.37 16.88 6.27
C ALA A 166 -32.22 15.43 6.75
N PHE A 167 -31.39 14.62 6.06
CA PHE A 167 -31.13 13.26 6.50
C PHE A 167 -30.48 13.24 7.88
N LYS A 168 -29.57 14.19 8.14
CA LYS A 168 -28.94 14.30 9.44
C LYS A 168 -29.90 14.88 10.49
N ASN A 169 -30.50 16.05 10.22
CA ASN A 169 -31.36 16.74 11.18
C ASN A 169 -32.79 16.18 11.28
N GLY A 170 -33.31 15.57 10.22
CA GLY A 170 -34.67 15.10 10.23
C GLY A 170 -34.91 13.68 10.68
N ASP A 171 -33.87 12.92 11.05
CA ASP A 171 -34.04 11.60 11.66
C ASP A 171 -34.98 10.64 10.89
N PRO A 172 -34.80 10.51 9.57
CA PRO A 172 -35.67 9.60 8.80
C PRO A 172 -35.67 8.13 9.27
N ASN A 173 -34.61 7.61 9.89
CA ASN A 173 -34.69 6.25 10.39
C ASN A 173 -34.30 6.17 11.87
N GLY A 174 -34.63 7.20 12.64
CA GLY A 174 -34.43 7.13 14.07
C GLY A 174 -33.51 8.21 14.62
N ASN A 175 -33.61 8.49 15.91
CA ASN A 175 -32.91 9.63 16.45
C ASN A 175 -31.54 9.27 17.04
N GLY A 176 -31.20 7.98 17.06
CA GLY A 176 -29.88 7.53 17.50
C GLY A 176 -28.72 8.22 16.80
N GLU A 177 -27.60 8.36 17.52
CA GLU A 177 -26.44 9.07 17.01
C GLU A 177 -25.93 8.44 15.73
N ALA A 178 -26.07 7.12 15.59
CA ALA A 178 -25.55 6.38 14.45
C ALA A 178 -26.67 5.83 13.57
N ALA A 179 -27.87 6.40 13.62
CA ALA A 179 -29.00 5.82 12.91
C ALA A 179 -28.88 6.01 11.40
N ALA A 180 -28.61 7.23 10.95
CA ALA A 180 -28.54 7.60 9.54
C ALA A 180 -27.13 8.02 9.19
N ILE A 181 -26.61 7.49 8.09
CA ILE A 181 -25.34 7.90 7.52
C ILE A 181 -25.67 8.69 6.24
N PRO A 182 -25.69 10.03 6.29
CA PRO A 182 -26.16 10.77 5.10
C PRO A 182 -25.39 10.48 3.83
N PHE A 183 -24.07 10.33 3.90
CA PHE A 183 -23.20 10.25 2.72
C PHE A 183 -22.06 9.26 2.97
N SER A 184 -21.89 8.28 2.10
CA SER A 184 -20.86 7.28 2.33
C SER A 184 -20.23 6.84 1.01
N PHE A 185 -19.07 6.20 1.14
CA PHE A 185 -18.20 5.83 0.02
C PHE A 185 -17.05 5.02 0.62
N ILE A 186 -16.31 4.33 -0.27
CA ILE A 186 -15.02 3.71 0.04
C ILE A 186 -14.00 4.45 -0.84
N SER A 187 -13.09 5.16 -0.18
CA SER A 187 -12.25 6.15 -0.83
C SER A 187 -11.13 5.47 -1.59
N GLY A 188 -10.86 5.97 -2.80
CA GLY A 188 -9.75 5.49 -3.61
C GLY A 188 -10.21 5.19 -5.03
N ASN A 189 -9.58 4.21 -5.65
CA ASN A 189 -10.08 3.74 -6.92
C ASN A 189 -11.37 2.94 -6.75
N GLY A 190 -12.10 2.75 -7.83
CA GLY A 190 -13.11 1.69 -7.88
C GLY A 190 -14.54 2.18 -7.74
N ASN A 191 -15.43 1.20 -7.59
CA ASN A 191 -16.87 1.37 -7.77
C ASN A 191 -17.53 2.14 -6.62
N GLU A 192 -16.87 2.26 -5.49
CA GLU A 192 -17.49 2.83 -4.30
C GLU A 192 -16.95 4.22 -3.95
N ASP A 193 -16.06 4.77 -4.78
CA ASP A 193 -15.51 6.11 -4.55
C ASP A 193 -16.54 7.21 -4.89
N PHE A 194 -16.30 8.44 -4.39
CA PHE A 194 -17.20 9.57 -4.60
C PHE A 194 -16.83 10.44 -5.82
N LYS A 195 -15.78 10.08 -6.58
CA LYS A 195 -15.25 11.00 -7.59
C LYS A 195 -16.21 11.27 -8.75
N PHE A 196 -17.22 10.42 -8.93
CA PHE A 196 -18.31 10.70 -9.87
C PHE A 196 -18.85 12.12 -9.73
N LEU A 197 -18.98 12.63 -8.48
CA LEU A 197 -19.59 13.93 -8.28
C LEU A 197 -18.70 15.11 -8.69
N PHE A 198 -17.38 14.89 -8.85
CA PHE A 198 -16.49 15.99 -9.22
C PHE A 198 -16.90 16.64 -10.53
N ALA A 199 -17.56 15.91 -11.42
CA ALA A 199 -17.95 16.45 -12.71
C ALA A 199 -19.02 17.56 -12.59
N ALA A 200 -19.73 17.62 -11.46
CA ALA A 200 -20.65 18.74 -11.25
C ALA A 200 -19.93 20.07 -11.09
N PHE A 201 -18.60 20.09 -10.99
CA PHE A 201 -17.85 21.32 -11.02
C PHE A 201 -17.12 21.52 -12.36
N GLY A 202 -17.53 20.76 -13.37
CA GLY A 202 -16.90 20.74 -14.69
C GLY A 202 -15.75 19.76 -14.71
N ILE A 203 -15.63 19.02 -15.82
CA ILE A 203 -14.49 18.14 -16.18
C ILE A 203 -14.50 16.85 -15.35
N GLY A 204 -14.44 16.97 -14.01
CA GLY A 204 -14.51 15.83 -13.14
C GLY A 204 -13.22 15.02 -13.11
N ASP A 205 -13.38 13.73 -12.83
CA ASP A 205 -12.25 12.89 -12.44
C ASP A 205 -12.57 11.42 -12.74
N ASN A 206 -11.52 10.60 -12.89
CA ASN A 206 -11.72 9.15 -13.03
C ASN A 206 -10.53 8.43 -12.39
N ASP A 207 -10.54 7.10 -12.37
CA ASP A 207 -9.47 6.39 -11.68
C ASP A 207 -8.10 6.59 -12.34
N ASP A 208 -8.04 6.91 -13.63
CA ASP A 208 -6.76 7.29 -14.23
C ASP A 208 -6.40 8.75 -14.00
N HIS A 209 -7.33 9.57 -13.52
CA HIS A 209 -7.14 11.03 -13.45
C HIS A 209 -6.81 11.60 -14.83
N LEU A 210 -7.47 11.08 -15.85
CA LEU A 210 -7.11 11.38 -17.23
C LEU A 210 -8.34 11.34 -18.12
N VAL A 211 -8.66 12.49 -18.72
CA VAL A 211 -9.75 12.59 -19.70
C VAL A 211 -9.18 13.20 -20.99
N VAL A 212 -9.98 13.24 -22.04
CA VAL A 212 -9.55 13.72 -23.34
C VAL A 212 -10.47 14.85 -23.73
N GLY A 213 -9.93 16.05 -23.85
CA GLY A 213 -10.72 17.19 -24.28
C GLY A 213 -11.19 17.04 -25.72
N ASN A 214 -12.26 17.77 -26.02
CA ASN A 214 -12.79 17.87 -27.37
C ASN A 214 -11.89 18.67 -28.29
N ASP A 215 -10.85 19.26 -27.77
CA ASP A 215 -9.76 19.75 -28.59
C ASP A 215 -8.66 18.71 -28.82
N GLY A 216 -8.83 17.47 -28.37
CA GLY A 216 -7.81 16.44 -28.56
C GLY A 216 -6.66 16.53 -27.59
N LYS A 217 -6.73 17.37 -26.58
CA LYS A 217 -5.68 17.52 -25.57
C LYS A 217 -6.01 16.66 -24.36
N VAL A 218 -5.09 15.77 -24.02
CA VAL A 218 -5.19 14.95 -22.82
C VAL A 218 -5.05 15.82 -21.59
N ASP A 219 -5.93 15.62 -20.62
CA ASP A 219 -6.05 16.47 -19.45
C ASP A 219 -5.88 15.63 -18.20
N PHE A 220 -4.81 15.87 -17.45
CA PHE A 220 -4.67 15.32 -16.11
C PHE A 220 -5.63 16.05 -15.16
N THR A 221 -6.57 15.32 -14.58
CA THR A 221 -7.71 15.97 -13.90
C THR A 221 -7.37 16.50 -12.51
N ALA A 222 -6.37 15.94 -11.83
CA ALA A 222 -6.22 16.22 -10.42
C ALA A 222 -5.33 17.44 -10.16
N ASP A 223 -4.97 18.22 -11.18
CA ASP A 223 -4.46 19.56 -10.95
C ASP A 223 -5.41 20.67 -11.44
N ASN A 224 -6.67 20.34 -11.69
CA ASN A 224 -7.59 21.32 -12.25
C ASN A 224 -8.22 22.16 -11.15
N ASP A 225 -8.44 23.45 -11.42
CA ASP A 225 -9.26 24.26 -10.50
C ASP A 225 -10.59 23.57 -10.22
N ASN A 226 -11.14 22.87 -11.22
CA ASN A 226 -12.40 22.16 -11.06
C ASN A 226 -12.29 21.06 -9.99
N TYR A 227 -11.18 20.33 -9.99
CA TYR A 227 -10.93 19.29 -9.01
C TYR A 227 -10.78 19.90 -7.61
N LYS A 228 -10.06 21.02 -7.51
CA LYS A 228 -10.03 21.75 -6.22
C LYS A 228 -11.44 22.06 -5.72
N GLU A 229 -12.34 22.48 -6.61
CA GLU A 229 -13.70 22.81 -6.19
C GLU A 229 -14.46 21.55 -5.78
N GLY A 230 -14.23 20.43 -6.47
CA GLY A 230 -14.77 19.16 -6.03
C GLY A 230 -14.33 18.77 -4.61
N VAL A 231 -13.02 18.88 -4.32
CA VAL A 231 -12.53 18.57 -2.96
C VAL A 231 -13.19 19.49 -1.93
N LYS A 232 -13.34 20.76 -2.26
CA LYS A 232 -13.94 21.72 -1.32
C LYS A 232 -15.40 21.38 -1.03
N PHE A 233 -16.12 20.88 -2.05
CA PHE A 233 -17.49 20.43 -1.85
C PHE A 233 -17.55 19.27 -0.88
N ILE A 234 -16.69 18.25 -1.06
CA ILE A 234 -16.70 17.13 -0.13
C ILE A 234 -16.29 17.63 1.27
N ARG A 235 -15.34 18.55 1.33
CA ARG A 235 -14.95 19.16 2.61
C ARG A 235 -16.16 19.79 3.32
N GLN A 236 -17.00 20.52 2.58
CA GLN A 236 -18.23 21.05 3.17
C GLN A 236 -19.08 19.95 3.80
N LEU A 237 -19.26 18.82 3.09
CA LEU A 237 -20.03 17.72 3.65
C LEU A 237 -19.40 17.23 4.94
N GLN A 238 -18.07 17.06 4.95
CA GLN A 238 -17.39 16.66 6.18
C GLN A 238 -17.70 17.65 7.33
N GLU A 239 -17.54 18.96 7.08
CA GLU A 239 -17.75 19.98 8.11
C GLU A 239 -19.16 19.96 8.66
N LYS A 240 -20.12 19.60 7.84
CA LYS A 240 -21.53 19.58 8.20
C LYS A 240 -21.93 18.31 8.91
N GLY A 241 -20.97 17.47 9.28
CA GLY A 241 -21.25 16.21 9.93
C GLY A 241 -22.03 15.21 9.10
N LEU A 242 -21.88 15.24 7.76
CA LEU A 242 -22.70 14.45 6.85
C LEU A 242 -22.02 13.18 6.31
N ILE A 243 -20.75 13.01 6.51
CA ILE A 243 -20.01 11.88 5.95
C ILE A 243 -19.92 10.77 6.99
N ASP A 244 -20.16 9.51 6.57
CA ASP A 244 -19.79 8.32 7.31
C ASP A 244 -18.49 8.47 8.09
N LYS A 245 -18.57 8.32 9.42
CA LYS A 245 -17.36 8.54 10.20
C LYS A 245 -16.31 7.49 9.95
N GLU A 246 -16.63 6.35 9.36
CA GLU A 246 -15.58 5.40 9.01
C GLU A 246 -15.34 5.30 7.51
N ALA A 247 -15.72 6.34 6.76
CA ALA A 247 -15.58 6.34 5.31
C ALA A 247 -14.17 6.05 4.88
N PHE A 248 -13.19 6.60 5.58
CA PHE A 248 -11.82 6.42 5.15
C PHE A 248 -11.16 5.18 5.73
N GLU A 249 -11.88 4.37 6.52
CA GLU A 249 -11.29 3.17 7.11
C GLU A 249 -12.02 1.87 6.79
N HIS A 250 -13.30 1.90 6.45
CA HIS A 250 -14.05 0.65 6.37
C HIS A 250 -13.73 -0.12 5.09
N ASP A 251 -14.25 -1.33 5.02
CA ASP A 251 -14.04 -2.18 3.86
C ASP A 251 -15.39 -2.57 3.28
N TRP A 252 -15.34 -3.32 2.19
CA TRP A 252 -16.53 -3.72 1.45
C TRP A 252 -17.52 -4.47 2.33
N ASN A 253 -17.06 -5.43 3.13
CA ASN A 253 -18.00 -6.18 3.97
C ASN A 253 -18.71 -5.26 4.98
N SER A 254 -18.00 -4.31 5.57
CA SER A 254 -18.68 -3.35 6.45
C SER A 254 -19.64 -2.43 5.67
N TYR A 255 -19.21 -1.97 4.51
CA TYR A 255 -20.04 -1.13 3.67
C TYR A 255 -21.37 -1.82 3.36
N ILE A 256 -21.27 -3.10 2.95
CA ILE A 256 -22.41 -3.92 2.57
C ILE A 256 -23.33 -4.17 3.78
N ALA A 257 -22.74 -4.33 4.96
CA ALA A 257 -23.53 -4.57 6.16
C ALA A 257 -24.35 -3.33 6.51
N LYS A 258 -23.72 -2.16 6.43
CA LYS A 258 -24.46 -0.92 6.61
C LYS A 258 -25.50 -0.74 5.53
N GLY A 259 -25.16 -1.08 4.29
CA GLY A 259 -26.14 -0.94 3.22
C GLY A 259 -27.33 -1.86 3.40
N HIS A 260 -27.09 -3.09 3.82
CA HIS A 260 -28.19 -4.01 4.03
C HIS A 260 -29.16 -3.51 5.10
N ASP A 261 -28.65 -2.89 6.13
CA ASP A 261 -29.52 -2.23 7.11
C ASP A 261 -30.13 -0.91 6.60
N GLN A 262 -29.85 -0.50 5.37
CA GLN A 262 -30.39 0.71 4.76
C GLN A 262 -30.08 1.96 5.57
N LYS A 263 -28.82 2.12 5.97
CA LYS A 263 -28.42 3.25 6.78
C LYS A 263 -27.91 4.44 5.97
N PHE A 264 -27.70 4.28 4.66
CA PHE A 264 -27.10 5.29 3.81
C PHE A 264 -28.18 6.24 3.25
N GLY A 265 -27.87 7.53 3.22
CA GLY A 265 -28.69 8.43 2.44
C GLY A 265 -28.27 8.42 0.97
N VAL A 266 -27.01 8.73 0.72
CA VAL A 266 -26.43 8.70 -0.61
C VAL A 266 -25.14 7.88 -0.50
N TYR A 267 -24.92 6.98 -1.45
CA TYR A 267 -23.69 6.20 -1.46
C TYR A 267 -23.38 5.84 -2.90
N PHE A 268 -22.22 5.22 -3.11
CA PHE A 268 -21.73 4.90 -4.45
C PHE A 268 -21.47 3.40 -4.61
N THR A 269 -21.86 2.82 -5.76
CA THR A 269 -21.48 1.44 -6.03
C THR A 269 -21.80 1.12 -7.50
N TRP A 270 -21.29 -0.03 -7.96
CA TRP A 270 -21.63 -0.46 -9.33
C TRP A 270 -23.13 -0.69 -9.48
N ASP A 271 -23.72 -1.50 -8.60
CA ASP A 271 -25.10 -1.92 -8.66
C ASP A 271 -25.64 -1.94 -7.23
N LYS A 272 -26.69 -1.14 -6.97
CA LYS A 272 -27.32 -1.09 -5.63
C LYS A 272 -27.70 -2.47 -5.08
N ASN A 273 -27.99 -3.44 -5.95
CA ASN A 273 -28.47 -4.74 -5.50
C ASN A 273 -27.40 -5.50 -4.72
N ASN A 274 -26.14 -5.16 -4.90
CA ASN A 274 -25.07 -5.72 -4.08
C ASN A 274 -24.93 -5.07 -2.71
N VAL A 275 -25.54 -3.91 -2.46
CA VAL A 275 -25.26 -3.15 -1.24
C VAL A 275 -26.53 -2.95 -0.42
N THR A 276 -27.52 -2.25 -0.97
CA THR A 276 -28.77 -2.04 -0.23
C THR A 276 -29.88 -3.03 -0.59
N GLY A 277 -29.69 -3.87 -1.60
CA GLY A 277 -30.57 -5.00 -1.87
C GLY A 277 -31.53 -4.74 -3.03
N SER A 278 -32.42 -5.71 -3.26
CA SER A 278 -33.37 -5.64 -4.37
C SER A 278 -34.67 -5.02 -3.89
N ASN A 279 -34.78 -3.71 -3.97
CA ASN A 279 -35.97 -3.05 -3.47
C ASN A 279 -36.06 -1.73 -4.19
N GLU A 280 -37.16 -1.03 -3.99
CA GLU A 280 -37.32 0.28 -4.57
C GLU A 280 -37.00 1.39 -3.57
N SER A 281 -36.33 1.07 -2.45
CA SER A 281 -35.99 2.10 -1.47
C SER A 281 -34.89 3.02 -1.95
N TYR A 282 -33.99 2.52 -2.81
CA TYR A 282 -32.90 3.27 -3.40
C TYR A 282 -33.09 3.37 -4.91
N ASP A 283 -32.67 4.49 -5.47
CA ASP A 283 -32.69 4.73 -6.89
C ASP A 283 -31.45 5.52 -7.29
N VAL A 284 -31.26 5.63 -8.61
CA VAL A 284 -30.19 6.44 -9.18
C VAL A 284 -30.33 7.90 -8.76
N LEU A 285 -29.25 8.49 -8.27
CA LEU A 285 -29.20 9.95 -8.16
C LEU A 285 -28.95 10.59 -9.52
N PRO A 286 -29.88 11.38 -10.07
CA PRO A 286 -29.64 11.98 -11.39
C PRO A 286 -28.46 12.93 -11.36
N VAL A 287 -27.87 13.15 -12.54
CA VAL A 287 -26.72 14.02 -12.67
C VAL A 287 -27.09 15.40 -12.11
N LEU A 288 -26.23 15.94 -11.25
CA LEU A 288 -26.49 17.20 -10.57
C LEU A 288 -25.84 18.38 -11.29
N ALA A 289 -26.50 19.53 -11.24
CA ALA A 289 -25.92 20.79 -11.69
C ALA A 289 -25.16 21.46 -10.56
N GLY A 290 -23.96 21.98 -10.87
CA GLY A 290 -23.13 22.66 -9.90
C GLY A 290 -23.54 24.12 -9.77
N PRO A 291 -22.79 24.88 -8.97
CA PRO A 291 -23.21 26.26 -8.65
C PRO A 291 -23.30 27.18 -9.85
N SER A 292 -22.44 26.97 -10.86
CA SER A 292 -22.41 27.74 -12.09
C SER A 292 -23.16 27.07 -13.23
N GLY A 293 -23.90 26.01 -12.97
CA GLY A 293 -24.60 25.32 -14.03
C GLY A 293 -23.77 24.25 -14.72
N GLN A 294 -22.58 23.94 -14.20
CA GLN A 294 -21.83 22.79 -14.68
C GLN A 294 -22.67 21.53 -14.51
N LYS A 295 -22.80 20.76 -15.59
CA LYS A 295 -23.52 19.51 -15.48
C LYS A 295 -22.88 18.50 -16.42
N HIS A 296 -22.26 17.48 -15.88
CA HIS A 296 -21.29 16.72 -16.67
C HIS A 296 -21.14 15.33 -16.06
N VAL A 297 -20.84 14.36 -16.92
CA VAL A 297 -20.40 13.05 -16.49
C VAL A 297 -19.04 12.80 -17.13
N ALA A 298 -18.00 12.69 -16.30
CA ALA A 298 -16.68 12.35 -16.80
C ALA A 298 -16.69 10.89 -17.27
N ARG A 299 -16.17 10.64 -18.44
CA ARG A 299 -16.03 9.26 -18.88
C ARG A 299 -14.87 8.56 -18.19
N THR A 300 -15.09 7.35 -17.70
CA THR A 300 -13.92 6.54 -17.39
C THR A 300 -13.23 6.13 -18.72
N ASN A 301 -12.04 5.55 -18.59
CA ASN A 301 -11.35 4.92 -19.70
C ASN A 301 -11.52 3.41 -19.68
N GLY A 302 -12.49 2.90 -18.89
CA GLY A 302 -12.77 1.47 -18.87
C GLY A 302 -13.42 0.96 -20.17
N MET A 303 -13.30 -0.35 -20.40
CA MET A 303 -13.87 -0.93 -21.60
C MET A 303 -14.02 -2.44 -21.38
N GLY A 304 -14.72 -3.10 -22.31
CA GLY A 304 -14.95 -4.53 -22.19
C GLY A 304 -13.80 -5.36 -22.76
N PHE A 305 -12.60 -5.11 -22.28
CA PHE A 305 -11.39 -5.77 -22.73
C PHE A 305 -10.36 -5.70 -21.62
N ALA A 306 -9.71 -6.83 -21.35
CA ALA A 306 -8.55 -6.90 -20.48
C ALA A 306 -7.50 -7.70 -21.23
N ARG A 307 -6.31 -7.10 -21.38
CA ARG A 307 -5.25 -7.66 -22.22
C ARG A 307 -4.80 -9.04 -21.72
N ASP A 308 -4.70 -9.21 -20.42
CA ASP A 308 -4.05 -10.38 -19.85
C ASP A 308 -4.95 -11.03 -18.82
N LYS A 309 -5.69 -12.04 -19.23
CA LYS A 309 -6.29 -12.95 -18.26
C LYS A 309 -5.62 -14.32 -18.27
N MET A 310 -4.49 -14.49 -18.99
CA MET A 310 -3.69 -15.71 -18.92
C MET A 310 -2.36 -15.52 -19.64
N VAL A 311 -1.29 -15.99 -19.00
CA VAL A 311 0.05 -16.04 -19.59
C VAL A 311 0.60 -17.45 -19.44
N ILE A 312 1.48 -17.83 -20.37
CA ILE A 312 2.15 -19.13 -20.37
C ILE A 312 3.61 -18.92 -19.97
N THR A 313 4.07 -19.67 -18.99
CA THR A 313 5.43 -19.52 -18.50
C THR A 313 6.43 -20.31 -19.33
N SER A 314 7.70 -19.94 -19.16
CA SER A 314 8.81 -20.61 -19.82
C SER A 314 9.09 -22.01 -19.30
N VAL A 315 8.47 -22.47 -18.22
CA VAL A 315 8.71 -23.83 -17.77
C VAL A 315 7.62 -24.78 -18.21
N ASN A 316 6.60 -24.28 -18.93
CA ASN A 316 5.57 -25.12 -19.48
C ASN A 316 6.18 -26.05 -20.53
N LYS A 317 5.98 -27.35 -20.37
CA LYS A 317 6.53 -28.35 -21.27
C LYS A 317 5.48 -28.98 -22.17
N ASN A 318 4.24 -28.49 -22.15
CA ASN A 318 3.14 -29.06 -22.90
C ASN A 318 2.39 -27.93 -23.60
N LEU A 319 3.08 -27.20 -24.48
CA LEU A 319 2.51 -25.99 -25.03
C LEU A 319 1.27 -26.30 -25.88
N GLU A 320 1.30 -27.39 -26.67
CA GLU A 320 0.13 -27.71 -27.48
C GLU A 320 -1.08 -28.03 -26.59
N LEU A 321 -0.87 -28.83 -25.54
CA LEU A 321 -1.98 -29.16 -24.64
C LEU A 321 -2.52 -27.90 -23.98
N THR A 322 -1.62 -26.98 -23.63
CA THR A 322 -2.03 -25.78 -22.90
C THR A 322 -2.81 -24.86 -23.82
N ALA A 323 -2.33 -24.68 -25.04
CA ALA A 323 -3.04 -23.84 -26.01
C ALA A 323 -4.41 -24.41 -26.32
N LYS A 324 -4.53 -25.73 -26.41
CA LYS A 324 -5.83 -26.32 -26.67
C LYS A 324 -6.76 -26.19 -25.46
N TRP A 325 -6.23 -26.37 -24.25
CA TRP A 325 -7.04 -26.09 -23.06
C TRP A 325 -7.55 -24.66 -23.07
N ILE A 326 -6.68 -23.70 -23.40
CA ILE A 326 -7.07 -22.29 -23.40
C ILE A 326 -8.12 -22.03 -24.47
N ASP A 327 -7.97 -22.66 -25.65
CA ASP A 327 -8.95 -22.45 -26.70
C ASP A 327 -10.32 -22.96 -26.31
N ALA A 328 -10.38 -24.00 -25.47
CA ALA A 328 -11.66 -24.47 -25.00
C ALA A 328 -12.41 -23.41 -24.18
N GLN A 329 -11.69 -22.50 -23.54
CA GLN A 329 -12.34 -21.42 -22.79
C GLN A 329 -13.03 -20.43 -23.73
N TYR A 330 -12.53 -20.27 -24.95
CA TYR A 330 -13.07 -19.36 -25.95
C TYR A 330 -14.24 -19.96 -26.75
N ALA A 331 -14.58 -21.24 -26.57
CA ALA A 331 -15.84 -21.72 -27.11
C ALA A 331 -16.98 -20.87 -26.52
N PRO A 332 -17.91 -20.38 -27.34
CA PRO A 332 -18.96 -19.47 -26.85
C PRO A 332 -19.72 -19.90 -25.60
N LEU A 333 -20.22 -21.15 -25.55
CA LEU A 333 -20.96 -21.55 -24.35
C LEU A 333 -20.05 -21.61 -23.13
N GLN A 334 -18.76 -21.93 -23.33
CA GLN A 334 -17.83 -21.97 -22.22
C GLN A 334 -17.43 -20.57 -21.76
N SER A 335 -17.22 -19.66 -22.70
CA SER A 335 -16.89 -18.26 -22.37
C SER A 335 -17.98 -17.64 -21.50
N VAL A 336 -19.23 -17.80 -21.90
CA VAL A 336 -20.36 -17.25 -21.15
C VAL A 336 -20.36 -17.78 -19.72
N GLN A 337 -20.16 -19.09 -19.56
CA GLN A 337 -20.24 -19.65 -18.23
C GLN A 337 -19.04 -19.26 -17.39
N ASN A 338 -17.83 -19.35 -17.96
CA ASN A 338 -16.65 -18.95 -17.22
C ASN A 338 -16.81 -17.52 -16.70
N ASN A 339 -17.47 -16.69 -17.50
CA ASN A 339 -17.63 -15.28 -17.15
C ASN A 339 -18.65 -15.08 -16.04
N TRP A 340 -19.77 -15.77 -16.09
CA TRP A 340 -20.94 -15.38 -15.31
C TRP A 340 -21.49 -16.43 -14.33
N GLY A 341 -21.16 -17.73 -14.49
CA GLY A 341 -21.74 -18.79 -13.68
C GLY A 341 -22.29 -19.91 -14.56
N THR A 342 -23.15 -20.76 -13.99
CA THR A 342 -23.55 -21.97 -14.70
C THR A 342 -24.98 -22.39 -14.33
N TYR A 343 -25.33 -23.63 -14.74
CA TYR A 343 -26.66 -24.21 -14.65
C TYR A 343 -26.61 -25.58 -13.97
N GLY A 344 -27.77 -26.01 -13.49
CA GLY A 344 -27.98 -27.39 -13.13
C GLY A 344 -27.35 -27.86 -11.84
N ASP A 345 -26.89 -26.98 -10.97
CA ASP A 345 -26.48 -27.40 -9.64
C ASP A 345 -27.73 -27.61 -8.80
N ASP A 346 -27.84 -28.79 -8.16
CA ASP A 346 -28.95 -29.03 -7.25
C ASP A 346 -28.64 -28.63 -5.81
N LYS A 347 -27.40 -28.25 -5.50
CA LYS A 347 -26.99 -27.87 -4.16
C LYS A 347 -26.80 -26.37 -3.98
N GLN A 348 -26.97 -25.58 -5.03
CA GLN A 348 -26.62 -24.16 -4.96
C GLN A 348 -27.44 -23.46 -6.02
N GLN A 349 -27.81 -22.22 -5.75
CA GLN A 349 -28.53 -21.43 -6.73
C GLN A 349 -27.73 -21.35 -8.03
N ASN A 350 -28.44 -21.25 -9.14
CA ASN A 350 -27.84 -21.24 -10.48
C ASN A 350 -28.06 -19.89 -11.18
N ILE A 351 -27.01 -19.39 -11.82
CA ILE A 351 -27.13 -18.19 -12.64
C ILE A 351 -27.95 -18.47 -13.90
N PHE A 352 -27.79 -19.64 -14.50
CA PHE A 352 -28.33 -20.01 -15.79
C PHE A 352 -29.20 -21.25 -15.71
N GLU A 353 -30.09 -21.42 -16.68
CA GLU A 353 -30.60 -22.73 -17.07
C GLU A 353 -30.19 -22.99 -18.51
N LEU A 354 -29.98 -24.27 -18.84
CA LEU A 354 -29.59 -24.64 -20.20
C LEU A 354 -30.83 -25.06 -20.97
N ASP A 355 -31.15 -24.34 -22.04
CA ASP A 355 -32.26 -24.69 -22.91
C ASP A 355 -31.79 -25.83 -23.82
N GLN A 356 -32.28 -27.03 -23.54
CA GLN A 356 -31.83 -28.22 -24.27
C GLN A 356 -32.07 -28.10 -25.76
N ALA A 357 -33.25 -27.61 -26.15
CA ALA A 357 -33.67 -27.59 -27.55
C ALA A 357 -32.72 -26.74 -28.41
N SER A 358 -32.40 -25.51 -27.96
CA SER A 358 -31.56 -24.61 -28.72
C SER A 358 -30.08 -24.71 -28.37
N ASN A 359 -29.74 -25.53 -27.38
CA ASN A 359 -28.39 -25.63 -26.84
C ASN A 359 -27.83 -24.25 -26.47
N SER A 360 -28.65 -23.46 -25.75
CA SER A 360 -28.27 -22.12 -25.37
C SER A 360 -28.61 -21.88 -23.91
N LEU A 361 -28.05 -20.79 -23.36
CA LEU A 361 -28.14 -20.48 -21.94
C LEU A 361 -29.12 -19.34 -21.72
N LYS A 362 -29.90 -19.45 -20.65
CA LYS A 362 -30.86 -18.41 -20.30
C LYS A 362 -30.68 -18.03 -18.83
N HIS A 363 -30.58 -16.73 -18.58
CA HIS A 363 -30.42 -16.22 -17.23
C HIS A 363 -31.65 -16.52 -16.37
N LEU A 364 -31.43 -17.02 -15.25
CA LEU A 364 -32.50 -17.19 -14.30
C LEU A 364 -32.65 -15.94 -13.41
N PRO A 365 -33.85 -15.64 -12.91
CA PRO A 365 -34.00 -14.53 -11.95
C PRO A 365 -33.20 -14.80 -10.69
N LEU A 366 -32.64 -13.73 -10.11
CA LEU A 366 -31.86 -13.88 -8.90
C LEU A 366 -32.69 -13.92 -7.63
N ASN A 367 -33.95 -13.51 -7.70
CA ASN A 367 -34.89 -13.61 -6.58
C ASN A 367 -34.28 -13.07 -5.29
N GLY A 368 -33.71 -11.86 -5.38
CA GLY A 368 -33.16 -11.18 -4.24
C GLY A 368 -31.70 -11.46 -3.91
N THR A 369 -31.09 -12.47 -4.52
CA THR A 369 -29.68 -12.71 -4.25
C THR A 369 -28.86 -11.63 -4.90
N ALA A 370 -27.83 -11.15 -4.21
CA ALA A 370 -26.94 -10.15 -4.77
C ALA A 370 -26.25 -10.71 -6.02
N PRO A 371 -26.29 -10.02 -7.17
CA PRO A 371 -25.66 -10.58 -8.38
C PRO A 371 -24.17 -10.86 -8.19
N ALA A 372 -23.42 -10.01 -7.49
CA ALA A 372 -22.00 -10.26 -7.36
C ALA A 372 -21.69 -11.44 -6.43
N GLU A 373 -22.56 -11.73 -5.46
CA GLU A 373 -22.32 -12.81 -4.50
C GLU A 373 -22.39 -14.19 -5.18
N LEU A 374 -23.50 -14.48 -5.86
CA LEU A 374 -23.58 -15.75 -6.56
C LEU A 374 -22.56 -15.84 -7.70
N ARG A 375 -22.33 -14.74 -8.43
CA ARG A 375 -21.31 -14.76 -9.49
C ARG A 375 -19.94 -15.16 -8.96
N GLN A 376 -19.49 -14.52 -7.87
CA GLN A 376 -18.24 -14.85 -7.22
C GLN A 376 -18.11 -16.32 -6.83
N LYS A 377 -19.20 -16.93 -6.38
CA LYS A 377 -19.13 -18.34 -6.00
C LYS A 377 -18.95 -19.30 -7.18
N THR A 378 -19.46 -18.96 -8.38
CA THR A 378 -19.62 -19.96 -9.43
C THR A 378 -18.90 -19.64 -10.74
N GLU A 379 -18.49 -18.39 -10.97
CA GLU A 379 -17.69 -18.02 -12.11
C GLU A 379 -16.28 -18.61 -11.98
N VAL A 380 -15.53 -18.49 -13.06
CA VAL A 380 -14.19 -19.00 -13.16
C VAL A 380 -13.18 -17.91 -13.48
N GLY A 381 -13.60 -16.87 -14.21
CA GLY A 381 -12.68 -15.87 -14.74
C GLY A 381 -11.83 -16.45 -15.87
N GLY A 382 -10.63 -15.92 -16.01
CA GLY A 382 -9.72 -16.34 -17.05
C GLY A 382 -10.05 -15.82 -18.44
N PRO A 383 -9.31 -16.31 -19.44
CA PRO A 383 -9.50 -15.80 -20.80
C PRO A 383 -10.79 -16.31 -21.40
N LEU A 384 -11.53 -15.43 -22.07
CA LEU A 384 -12.83 -15.78 -22.62
C LEU A 384 -13.28 -14.64 -23.53
N ALA A 385 -14.34 -14.89 -24.30
CA ALA A 385 -14.88 -13.83 -25.15
C ALA A 385 -16.40 -13.92 -25.24
N ILE A 386 -17.04 -12.77 -25.08
CA ILE A 386 -18.47 -12.63 -25.27
C ILE A 386 -18.71 -11.47 -26.22
N LEU A 387 -19.22 -11.78 -27.41
CA LEU A 387 -19.45 -10.78 -28.44
C LEU A 387 -20.92 -10.40 -28.43
N ASP A 388 -21.21 -9.17 -28.88
CA ASP A 388 -22.62 -8.78 -28.86
CA ASP A 388 -22.59 -8.71 -28.94
C ASP A 388 -23.46 -9.61 -29.83
N SER A 389 -22.85 -10.30 -30.79
CA SER A 389 -23.60 -11.24 -31.63
C SER A 389 -24.05 -12.48 -30.87
N TYR A 390 -23.53 -12.72 -29.66
CA TYR A 390 -23.93 -13.92 -28.91
C TYR A 390 -25.32 -13.78 -28.28
N TYR A 391 -25.76 -12.55 -28.00
CA TYR A 391 -27.02 -12.32 -27.28
C TYR A 391 -28.21 -12.70 -28.18
N GLY A 392 -29.13 -13.48 -27.63
CA GLY A 392 -30.20 -14.04 -28.40
C GLY A 392 -29.82 -15.28 -29.17
N LYS A 393 -28.57 -15.71 -29.06
CA LYS A 393 -28.14 -16.86 -29.84
C LYS A 393 -27.50 -17.89 -28.92
N VAL A 394 -26.34 -17.55 -28.34
CA VAL A 394 -25.65 -18.41 -27.40
C VAL A 394 -26.20 -18.25 -26.00
N THR A 395 -26.51 -17.01 -25.62
CA THR A 395 -26.95 -16.67 -24.27
C THR A 395 -27.93 -15.51 -24.33
N THR A 396 -28.73 -15.37 -23.27
CA THR A 396 -29.40 -14.12 -23.01
C THR A 396 -28.37 -13.07 -22.51
N MET A 397 -28.68 -11.81 -22.75
CA MET A 397 -27.96 -10.75 -22.06
C MET A 397 -28.37 -10.76 -20.59
N PRO A 398 -27.42 -10.67 -19.65
CA PRO A 398 -27.80 -10.61 -18.22
C PRO A 398 -28.84 -9.52 -17.97
N ASP A 399 -29.81 -9.83 -17.11
CA ASP A 399 -30.82 -8.84 -16.75
C ASP A 399 -30.22 -7.65 -16.03
N ASP A 400 -29.30 -7.86 -15.09
CA ASP A 400 -28.66 -6.72 -14.44
C ASP A 400 -27.83 -5.88 -15.41
N ALA A 401 -27.20 -6.52 -16.40
CA ALA A 401 -26.42 -5.79 -17.39
C ALA A 401 -27.30 -4.93 -18.27
N LYS A 402 -28.45 -5.47 -18.70
CA LYS A 402 -29.37 -4.74 -19.54
C LYS A 402 -29.97 -3.53 -18.79
N TRP A 403 -30.40 -3.77 -17.57
CA TRP A 403 -30.86 -2.69 -16.70
C TRP A 403 -29.81 -1.58 -16.55
N ARG A 404 -28.55 -1.93 -16.30
CA ARG A 404 -27.54 -0.91 -16.07
C ARG A 404 -27.22 -0.13 -17.36
N LEU A 405 -27.21 -0.83 -18.50
CA LEU A 405 -27.11 -0.16 -19.80
C LEU A 405 -28.25 0.83 -20.01
N ASP A 406 -29.48 0.42 -19.68
CA ASP A 406 -30.60 1.35 -19.80
C ASP A 406 -30.43 2.56 -18.86
N LEU A 407 -29.92 2.34 -17.64
CA LEU A 407 -29.76 3.50 -16.73
C LEU A 407 -28.69 4.46 -17.24
N ILE A 408 -27.60 3.92 -17.78
CA ILE A 408 -26.52 4.74 -18.33
C ILE A 408 -27.06 5.61 -19.47
N LYS A 409 -27.80 4.99 -20.39
CA LYS A 409 -28.41 5.72 -21.50
C LYS A 409 -29.40 6.80 -21.03
N GLU A 410 -30.20 6.49 -20.02
CA GLU A 410 -31.24 7.43 -19.55
C GLU A 410 -30.63 8.60 -18.77
N TYR A 411 -29.79 8.33 -17.81
CA TYR A 411 -29.30 9.38 -16.90
C TYR A 411 -27.99 10.02 -17.33
N TYR A 412 -27.06 9.25 -17.93
CA TYR A 412 -25.68 9.70 -18.04
C TYR A 412 -25.26 10.12 -19.44
N VAL A 413 -25.58 9.33 -20.47
CA VAL A 413 -25.12 9.64 -21.83
C VAL A 413 -25.43 11.08 -22.25
N PRO A 414 -26.61 11.65 -21.97
CA PRO A 414 -26.83 13.05 -22.37
C PRO A 414 -25.81 14.03 -21.78
N TYR A 415 -25.13 13.69 -20.69
CA TYR A 415 -24.17 14.64 -20.09
C TYR A 415 -22.73 14.19 -20.26
N MET A 416 -22.50 13.14 -21.03
CA MET A 416 -21.15 12.72 -21.38
C MET A 416 -20.77 13.49 -22.63
N SER A 417 -20.23 14.68 -22.45
CA SER A 417 -20.02 15.57 -23.60
C SER A 417 -18.61 15.48 -24.18
N ASN A 418 -17.73 14.66 -23.61
CA ASN A 418 -16.43 14.37 -24.22
C ASN A 418 -16.62 13.30 -25.30
N VAL A 419 -16.37 13.67 -26.54
CA VAL A 419 -16.50 12.74 -27.66
C VAL A 419 -15.53 11.56 -27.53
N ASN A 420 -14.36 11.77 -26.96
CA ASN A 420 -13.38 10.71 -26.76
C ASN A 420 -13.09 10.46 -25.29
N ASN A 421 -12.71 9.21 -24.99
CA ASN A 421 -11.96 8.90 -23.79
C ASN A 421 -10.53 8.39 -24.17
N TYR A 422 -9.80 7.89 -23.19
CA TYR A 422 -8.41 7.57 -23.46
C TYR A 422 -8.30 6.11 -23.95
N PRO A 423 -7.74 5.88 -25.12
CA PRO A 423 -7.71 4.53 -25.68
C PRO A 423 -6.78 3.61 -24.91
N ARG A 424 -6.99 2.32 -25.12
CA ARG A 424 -6.19 1.27 -24.54
C ARG A 424 -4.97 1.10 -25.44
N VAL A 425 -3.86 1.70 -25.06
CA VAL A 425 -2.66 1.68 -25.85
C VAL A 425 -1.69 0.67 -25.25
N PHE A 426 -0.69 0.28 -26.01
CA PHE A 426 0.34 -0.64 -25.52
C PHE A 426 1.66 0.09 -25.70
N MET A 427 2.17 0.67 -24.63
CA MET A 427 3.37 1.49 -24.73
C MET A 427 4.63 0.62 -24.82
N THR A 428 5.69 1.21 -25.36
CA THR A 428 6.98 0.54 -25.37
C THR A 428 7.50 0.30 -23.95
N GLN A 429 8.43 -0.65 -23.82
CA GLN A 429 8.90 -1.00 -22.48
C GLN A 429 9.59 0.19 -21.83
N GLU A 430 10.32 0.99 -22.60
CA GLU A 430 10.93 2.18 -22.05
C GLU A 430 9.89 3.19 -21.54
N ASP A 431 8.82 3.39 -22.31
CA ASP A 431 7.81 4.35 -21.87
C ASP A 431 7.03 3.79 -20.67
N LEU A 432 6.76 2.48 -20.68
CA LEU A 432 6.12 1.85 -19.53
C LEU A 432 6.95 2.02 -18.27
N ASP A 433 8.26 1.87 -18.37
CA ASP A 433 9.01 1.96 -17.14
CA ASP A 433 9.11 1.98 -17.19
C ASP A 433 9.17 3.41 -16.68
N LYS A 434 9.28 4.37 -17.60
CA LYS A 434 9.22 5.77 -17.17
C LYS A 434 7.89 6.09 -16.46
N ILE A 435 6.76 5.68 -17.04
CA ILE A 435 5.45 5.92 -16.43
C ILE A 435 5.34 5.24 -15.06
N ALA A 436 5.84 4.01 -14.94
CA ALA A 436 5.74 3.29 -13.68
C ALA A 436 6.54 3.96 -12.57
N HIS A 437 7.69 4.59 -12.87
CA HIS A 437 8.44 5.33 -11.85
C HIS A 437 7.67 6.56 -11.38
N ILE A 438 7.05 7.28 -12.32
CA ILE A 438 6.26 8.46 -11.96
C ILE A 438 5.06 8.04 -11.13
N GLU A 439 4.35 7.00 -11.54
CA GLU A 439 3.16 6.58 -10.82
C GLU A 439 3.46 6.02 -9.44
N ALA A 440 4.65 5.48 -9.21
CA ALA A 440 5.04 5.05 -7.88
C ALA A 440 4.99 6.21 -6.88
N ASP A 441 5.32 7.44 -7.30
CA ASP A 441 5.09 8.59 -6.44
C ASP A 441 3.64 9.09 -6.52
N MET A 442 3.15 9.33 -7.74
CA MET A 442 1.96 10.16 -7.93
C MET A 442 0.70 9.53 -7.37
N ASN A 443 0.48 8.23 -7.61
CA ASN A 443 -0.86 7.67 -7.43
C ASN A 443 -1.33 7.75 -5.96
N ASP A 444 -0.51 7.24 -5.04
CA ASP A 444 -0.82 7.31 -3.62
C ASP A 444 -0.91 8.76 -3.14
N TYR A 445 -0.01 9.61 -3.62
CA TYR A 445 0.04 11.01 -3.18
C TYR A 445 -1.28 11.72 -3.47
N ILE A 446 -1.83 11.52 -4.65
CA ILE A 446 -3.07 12.17 -5.06
C ILE A 446 -4.21 11.85 -4.08
N TYR A 447 -4.39 10.58 -3.75
CA TYR A 447 -5.47 10.23 -2.83
C TYR A 447 -5.14 10.67 -1.40
N ARG A 448 -3.86 10.62 -1.02
CA ARG A 448 -3.50 11.04 0.34
C ARG A 448 -3.86 12.49 0.57
N LYS A 449 -3.45 13.36 -0.34
CA LYS A 449 -3.75 14.78 -0.22
C LYS A 449 -5.25 15.01 -0.23
N ARG A 450 -5.98 14.33 -1.13
CA ARG A 450 -7.42 14.47 -1.22
C ARG A 450 -8.10 14.17 0.11
N ALA A 451 -7.75 13.04 0.73
CA ALA A 451 -8.26 12.70 2.04
C ALA A 451 -7.86 13.72 3.10
N GLU A 452 -6.59 14.12 3.11
CA GLU A 452 -6.10 15.10 4.10
C GLU A 452 -6.95 16.36 4.07
N TRP A 453 -7.21 16.87 2.86
CA TRP A 453 -7.95 18.11 2.65
C TRP A 453 -9.41 17.99 3.07
N ILE A 454 -10.02 16.84 2.87
CA ILE A 454 -11.39 16.62 3.32
C ILE A 454 -11.44 16.64 4.84
N VAL A 455 -10.39 16.11 5.47
CA VAL A 455 -10.37 16.04 6.93
C VAL A 455 -9.84 17.32 7.59
N ASN A 456 -8.96 18.09 6.94
CA ASN A 456 -8.36 19.26 7.60
C ASN A 456 -8.77 20.63 7.01
N GLY A 457 -9.37 20.69 5.82
CA GLY A 457 -9.81 21.96 5.24
C GLY A 457 -8.75 22.95 4.75
N ASN A 458 -7.51 22.54 4.55
CA ASN A 458 -6.44 23.48 4.20
C ASN A 458 -6.11 23.53 2.71
N ILE A 459 -7.02 23.10 1.81
CA ILE A 459 -6.66 23.01 0.39
C ILE A 459 -6.21 24.37 -0.18
N ASP A 460 -6.85 25.47 0.23
CA ASP A 460 -6.50 26.78 -0.34
C ASP A 460 -5.04 27.15 -0.07
N THR A 461 -4.56 26.85 1.13
CA THR A 461 -3.19 27.12 1.55
C THR A 461 -2.16 26.20 0.88
N GLU A 462 -2.55 24.97 0.52
CA GLU A 462 -1.60 23.94 0.10
C GLU A 462 -1.69 23.62 -1.39
N TRP A 463 -2.69 24.14 -2.11
CA TRP A 463 -2.94 23.72 -3.48
C TRP A 463 -1.74 24.01 -4.40
N ASP A 464 -1.14 25.19 -4.30
CA ASP A 464 -0.03 25.53 -5.19
C ASP A 464 1.18 24.66 -4.92
N ASP A 465 1.52 24.45 -3.65
CA ASP A 465 2.63 23.57 -3.29
C ASP A 465 2.40 22.14 -3.81
N TYR A 466 1.16 21.67 -3.70
CA TYR A 466 0.79 20.35 -4.23
C TYR A 466 1.01 20.25 -5.74
N LYS A 467 0.60 21.26 -6.50
CA LYS A 467 0.88 21.19 -7.93
C LYS A 467 2.39 21.22 -8.20
N LYS A 468 3.14 22.00 -7.43
CA LYS A 468 4.59 21.96 -7.59
C LYS A 468 5.15 20.58 -7.24
N GLU A 469 4.59 19.92 -6.23
CA GLU A 469 5.08 18.59 -5.91
C GLU A 469 4.79 17.61 -7.04
N LEU A 470 3.62 17.71 -7.67
CA LEU A 470 3.34 16.83 -8.77
C LEU A 470 4.32 17.03 -9.92
N GLU A 471 4.72 18.27 -10.19
CA GLU A 471 5.70 18.49 -11.23
C GLU A 471 7.07 17.92 -10.85
N LYS A 472 7.46 18.06 -9.58
CA LYS A 472 8.67 17.40 -9.09
C LYS A 472 8.65 15.90 -9.34
N TYR A 473 7.49 15.25 -9.16
CA TYR A 473 7.34 13.84 -9.42
C TYR A 473 7.29 13.50 -10.92
N GLY A 474 7.21 14.50 -11.80
CA GLY A 474 7.26 14.27 -13.23
C GLY A 474 5.94 14.37 -13.99
N LEU A 475 4.99 15.17 -13.49
CA LEU A 475 3.68 15.26 -14.14
C LEU A 475 3.77 15.73 -15.60
N SER A 476 4.60 16.73 -15.89
CA SER A 476 4.58 17.21 -17.27
C SER A 476 5.19 16.18 -18.25
N ASP A 477 6.20 15.43 -17.82
CA ASP A 477 6.69 14.31 -18.64
C ASP A 477 5.63 13.23 -18.81
N TYR A 478 4.97 12.89 -17.69
CA TYR A 478 3.88 11.93 -17.68
C TYR A 478 2.82 12.29 -18.72
N LEU A 479 2.35 13.54 -18.68
CA LEU A 479 1.34 14.03 -19.60
C LEU A 479 1.83 14.00 -21.05
N ALA A 480 3.06 14.44 -21.29
CA ALA A 480 3.60 14.40 -22.63
C ALA A 480 3.63 12.97 -23.19
N ILE A 481 3.96 11.97 -22.38
CA ILE A 481 3.92 10.57 -22.84
C ILE A 481 2.49 10.14 -23.17
N LYS A 482 1.52 10.46 -22.30
CA LYS A 482 0.13 10.07 -22.56
C LYS A 482 -0.39 10.76 -23.82
N GLN A 483 0.03 12.00 -24.03
CA GLN A 483 -0.38 12.72 -25.22
C GLN A 483 0.28 12.11 -26.47
N LYS A 484 1.52 11.67 -26.36
CA LYS A 484 2.17 11.02 -27.51
C LYS A 484 1.37 9.81 -27.97
N TYR A 485 1.08 8.90 -27.05
CA TYR A 485 0.36 7.69 -27.43
C TYR A 485 -1.08 7.98 -27.87
N TYR A 486 -1.73 9.00 -27.33
CA TYR A 486 -3.05 9.37 -27.84
C TYR A 486 -2.96 9.82 -29.30
N ASP A 487 -2.00 10.70 -29.60
CA ASP A 487 -1.82 11.17 -30.95
C ASP A 487 -1.46 10.01 -31.87
N GLN A 488 -0.65 9.07 -31.37
CA GLN A 488 -0.24 7.95 -32.23
C GLN A 488 -1.40 7.02 -32.50
N TYR A 489 -2.23 6.78 -31.49
CA TYR A 489 -3.44 5.99 -31.68
C TYR A 489 -4.36 6.62 -32.73
N GLN A 490 -4.64 7.92 -32.60
CA GLN A 490 -5.52 8.59 -33.55
C GLN A 490 -4.94 8.58 -34.96
N ALA A 491 -3.62 8.65 -35.10
CA ALA A 491 -2.99 8.63 -36.42
C ALA A 491 -2.86 7.21 -36.96
N ASN A 492 -3.01 6.22 -36.09
CA ASN A 492 -2.90 4.81 -36.34
C ASN A 492 -1.41 4.44 -36.51
N LYS A 493 1.61 4.26 -34.93
CA LYS A 493 1.81 2.81 -35.00
C LYS A 493 3.07 2.36 -34.26
N LYS B 3 38.37 6.25 -13.19
CA LYS B 3 37.39 5.16 -13.16
C LYS B 3 36.10 5.53 -12.45
N THR B 4 35.02 4.85 -12.86
CA THR B 4 33.65 5.21 -12.60
C THR B 4 32.85 3.97 -12.28
N LEU B 5 31.91 4.09 -11.35
CA LEU B 5 30.96 3.02 -11.05
C LEU B 5 29.57 3.63 -11.04
N LYS B 6 28.57 2.83 -11.37
CA LYS B 6 27.18 3.26 -11.32
C LYS B 6 26.52 2.60 -10.10
N PHE B 7 26.14 3.42 -9.11
CA PHE B 7 25.41 2.93 -7.95
C PHE B 7 24.00 3.53 -7.93
N MET B 8 23.01 2.68 -7.69
CA MET B 8 21.70 3.13 -7.21
C MET B 8 21.81 3.45 -5.72
N THR B 9 21.07 4.46 -5.26
CA THR B 9 21.07 4.77 -3.84
C THR B 9 19.71 5.36 -3.42
N ALA B 10 19.54 5.45 -2.09
CA ALA B 10 18.40 6.09 -1.44
C ALA B 10 18.90 7.24 -0.56
N SER B 11 18.30 8.41 -0.69
CA SER B 11 18.64 9.52 0.17
C SER B 11 17.39 10.31 0.52
N SER B 12 17.52 11.18 1.51
CA SER B 12 16.42 12.04 1.93
C SER B 12 16.13 13.10 0.87
N PRO B 13 14.85 13.44 0.69
CA PRO B 13 14.51 14.55 -0.19
C PRO B 13 15.07 15.90 0.27
N LEU B 14 15.57 16.02 1.49
CA LEU B 14 16.27 17.23 1.91
C LEU B 14 17.68 17.33 1.36
N SER B 15 18.25 16.26 0.88
CA SER B 15 19.62 16.25 0.41
C SER B 15 19.68 16.52 -1.09
N PRO B 16 20.86 16.78 -1.65
CA PRO B 16 20.95 17.13 -3.09
C PRO B 16 20.50 16.01 -4.02
N LYS B 17 19.81 16.38 -5.10
CA LYS B 17 19.44 15.42 -6.14
C LYS B 17 20.64 14.61 -6.60
N ASP B 18 21.78 15.27 -6.82
CA ASP B 18 23.02 14.59 -7.13
C ASP B 18 23.82 14.34 -5.87
N PRO B 19 23.94 13.09 -5.41
CA PRO B 19 24.70 12.83 -4.17
C PRO B 19 26.11 13.42 -4.20
N ASN B 20 26.71 13.57 -5.37
CA ASN B 20 28.10 14.05 -5.38
C ASN B 20 28.21 15.49 -4.92
N GLU B 21 27.09 16.17 -4.71
CA GLU B 21 27.16 17.48 -4.08
C GLU B 21 27.39 17.41 -2.59
N LYS B 22 27.24 16.24 -1.98
CA LYS B 22 27.48 16.10 -0.55
C LYS B 22 28.96 16.21 -0.27
N LEU B 23 29.31 16.97 0.77
CA LEU B 23 30.72 17.18 1.10
C LEU B 23 31.44 15.86 1.34
N ILE B 24 30.80 14.91 2.04
CA ILE B 24 31.41 13.62 2.28
C ILE B 24 31.82 12.95 0.97
N LEU B 25 30.96 12.98 -0.04
CA LEU B 25 31.26 12.28 -1.28
C LEU B 25 32.27 13.06 -2.12
N GLN B 26 32.26 14.39 -2.05
CA GLN B 26 33.32 15.15 -2.72
C GLN B 26 34.67 14.72 -2.18
N ARG B 27 34.86 14.80 -0.86
CA ARG B 27 36.11 14.35 -0.26
C ARG B 27 36.42 12.89 -0.60
N LEU B 28 35.43 12.02 -0.57
CA LEU B 28 35.67 10.60 -0.85
C LEU B 28 36.16 10.39 -2.27
N GLU B 29 35.59 11.11 -3.25
CA GLU B 29 36.09 11.00 -4.60
C GLU B 29 37.58 11.31 -4.67
N LYS B 30 38.03 12.37 -3.98
CA LYS B 30 39.46 12.71 -3.94
C LYS B 30 40.28 11.60 -3.33
N GLU B 31 39.81 11.02 -2.24
CA GLU B 31 40.58 10.00 -1.54
C GLU B 31 40.66 8.70 -2.35
N THR B 32 39.53 8.23 -2.87
CA THR B 32 39.48 6.93 -3.53
C THR B 32 39.89 7.00 -5.00
N GLY B 33 39.80 8.16 -5.64
CA GLY B 33 39.97 8.27 -7.07
C GLY B 33 38.81 7.73 -7.91
N VAL B 34 37.70 7.34 -7.28
CA VAL B 34 36.58 6.71 -7.98
C VAL B 34 35.41 7.68 -8.02
N HIS B 35 34.88 7.90 -9.21
CA HIS B 35 33.71 8.74 -9.41
C HIS B 35 32.50 7.84 -9.48
N ILE B 36 31.50 8.13 -8.65
CA ILE B 36 30.25 7.37 -8.65
C ILE B 36 29.23 8.16 -9.47
N ASP B 37 28.67 7.51 -10.48
CA ASP B 37 27.48 8.01 -11.16
C ASP B 37 26.25 7.46 -10.41
N TRP B 38 25.50 8.32 -9.73
CA TRP B 38 24.41 7.86 -8.87
C TRP B 38 23.07 7.83 -9.59
N THR B 39 22.30 6.75 -9.37
CA THR B 39 20.84 6.79 -9.55
C THR B 39 20.20 6.99 -8.18
N ASN B 40 19.70 8.17 -7.91
CA ASN B 40 19.32 8.58 -6.54
C ASN B 40 17.80 8.68 -6.46
N TYR B 41 17.17 7.69 -5.83
CA TYR B 41 15.72 7.73 -5.56
C TYR B 41 15.48 8.34 -4.18
N GLN B 42 14.83 9.49 -4.16
CA GLN B 42 14.63 10.21 -2.90
C GLN B 42 13.24 10.03 -2.35
N SER B 43 12.39 9.27 -3.04
CA SER B 43 11.10 8.85 -2.54
C SER B 43 10.76 7.52 -3.20
N ASP B 44 10.01 6.69 -2.47
CA ASP B 44 9.56 5.38 -2.94
C ASP B 44 10.70 4.58 -3.52
N PHE B 45 11.85 4.65 -2.84
CA PHE B 45 13.04 3.94 -3.27
C PHE B 45 12.74 2.47 -3.58
N ALA B 46 12.11 1.76 -2.64
CA ALA B 46 11.93 0.31 -2.82
C ALA B 46 11.16 -0.02 -4.10
N GLU B 47 10.08 0.72 -4.36
CA GLU B 47 9.26 0.53 -5.56
C GLU B 47 10.08 0.76 -6.82
N LYS B 48 10.85 1.85 -6.85
CA LYS B 48 11.61 2.19 -8.05
C LYS B 48 12.77 1.23 -8.26
N ARG B 49 13.40 0.79 -7.16
CA ARG B 49 14.42 -0.24 -7.22
C ARG B 49 13.86 -1.53 -7.81
N ASN B 50 12.68 -1.95 -7.32
CA ASN B 50 12.08 -3.17 -7.83
C ASN B 50 11.74 -3.04 -9.31
N LEU B 51 11.32 -1.86 -9.76
CA LEU B 51 11.07 -1.67 -11.18
C LEU B 51 12.36 -1.86 -12.00
N ASP B 52 13.47 -1.24 -11.55
CA ASP B 52 14.74 -1.38 -12.25
C ASP B 52 15.18 -2.84 -12.33
N ILE B 53 15.01 -3.59 -11.22
CA ILE B 53 15.38 -5.00 -11.22
C ILE B 53 14.47 -5.80 -12.16
N SER B 54 13.15 -5.56 -12.12
CA SER B 54 12.25 -6.30 -13.02
C SER B 54 12.53 -6.03 -14.48
N SER B 55 13.03 -4.85 -14.82
CA SER B 55 13.21 -4.54 -16.21
C SER B 55 14.63 -4.83 -16.69
N GLY B 56 15.49 -5.41 -15.83
CA GLY B 56 16.85 -5.73 -16.22
C GLY B 56 17.77 -4.55 -16.23
N ASP B 57 17.37 -3.46 -15.61
CA ASP B 57 18.12 -2.21 -15.69
C ASP B 57 18.94 -2.01 -14.41
N LEU B 58 20.01 -2.84 -14.27
CA LEU B 58 20.80 -2.99 -13.05
C LEU B 58 21.96 -2.00 -12.99
N PRO B 59 22.21 -1.41 -11.84
CA PRO B 59 23.47 -0.73 -11.62
C PRO B 59 24.57 -1.75 -11.33
N ASP B 60 25.80 -1.26 -11.13
CA ASP B 60 26.88 -2.10 -10.59
C ASP B 60 26.63 -2.56 -9.16
N ALA B 61 25.93 -1.74 -8.36
CA ALA B 61 25.65 -2.06 -6.97
C ALA B 61 24.49 -1.19 -6.53
N ILE B 62 23.79 -1.64 -5.48
CA ILE B 62 22.68 -0.90 -4.87
C ILE B 62 23.14 -0.50 -3.47
N HIS B 63 23.33 0.78 -3.31
CA HIS B 63 23.88 1.38 -2.11
C HIS B 63 22.75 1.88 -1.21
N ASN B 64 22.89 1.64 0.09
CA ASN B 64 21.87 2.05 1.07
C ASN B 64 20.55 1.34 0.80
N ASP B 65 20.65 0.05 0.47
CA ASP B 65 19.55 -0.71 -0.14
C ASP B 65 18.42 -1.04 0.84
N GLY B 66 18.72 -1.55 2.04
CA GLY B 66 17.66 -1.91 3.00
C GLY B 66 16.66 -2.98 2.58
N ALA B 67 17.11 -4.01 1.87
CA ALA B 67 16.16 -4.99 1.38
C ALA B 67 15.78 -6.00 2.46
N SER B 68 14.54 -6.50 2.38
CA SER B 68 14.10 -7.59 3.22
C SER B 68 14.88 -8.86 2.91
N ASP B 69 14.88 -9.78 3.88
CA ASP B 69 15.60 -11.05 3.68
C ASP B 69 15.02 -11.85 2.51
N VAL B 70 13.69 -11.85 2.34
CA VAL B 70 13.11 -12.64 1.25
C VAL B 70 13.50 -12.04 -0.11
N ASP B 71 13.50 -10.71 -0.24
CA ASP B 71 14.04 -10.09 -1.45
C ASP B 71 15.52 -10.45 -1.67
N LEU B 72 16.32 -10.42 -0.61
CA LEU B 72 17.74 -10.73 -0.72
C LEU B 72 17.98 -12.13 -1.24
N MET B 73 17.28 -13.11 -0.65
CA MET B 73 17.46 -14.50 -1.07
C MET B 73 16.89 -14.76 -2.45
N ASN B 74 15.77 -14.12 -2.80
CA ASN B 74 15.22 -14.27 -4.16
C ASN B 74 16.18 -13.70 -5.20
N TRP B 75 16.71 -12.49 -4.98
CA TRP B 75 17.72 -11.95 -5.90
C TRP B 75 18.94 -12.86 -5.98
N ALA B 76 19.35 -13.43 -4.84
CA ALA B 76 20.52 -14.28 -4.82
C ALA B 76 20.30 -15.55 -5.63
N LYS B 77 19.16 -16.21 -5.41
CA LYS B 77 18.95 -17.46 -6.13
C LYS B 77 18.72 -17.22 -7.62
N LYS B 78 18.15 -16.09 -8.00
CA LYS B 78 18.06 -15.81 -9.43
C LYS B 78 19.34 -15.21 -10.02
N GLY B 79 20.39 -15.00 -9.24
CA GLY B 79 21.61 -14.43 -9.78
C GLY B 79 21.59 -12.94 -10.04
N VAL B 80 20.60 -12.22 -9.51
CA VAL B 80 20.58 -10.77 -9.60
C VAL B 80 21.75 -10.17 -8.82
N ILE B 81 22.01 -10.71 -7.63
CA ILE B 81 23.15 -10.30 -6.81
C ILE B 81 24.10 -11.48 -6.64
N ILE B 82 25.31 -11.19 -6.20
CA ILE B 82 26.35 -12.20 -6.10
C ILE B 82 26.72 -12.40 -4.63
N PRO B 83 27.17 -13.59 -4.25
CA PRO B 83 27.77 -13.76 -2.91
C PRO B 83 29.06 -12.97 -2.83
N VAL B 84 29.39 -12.46 -1.64
CA VAL B 84 30.51 -11.55 -1.51
C VAL B 84 31.55 -11.99 -0.49
N GLU B 85 31.39 -13.14 0.17
CA GLU B 85 32.38 -13.49 1.20
C GLU B 85 33.81 -13.55 0.63
N ASP B 86 33.98 -13.96 -0.63
CA ASP B 86 35.33 -14.05 -1.17
C ASP B 86 35.92 -12.65 -1.41
N LEU B 87 35.06 -11.69 -1.76
CA LEU B 87 35.51 -10.31 -1.90
C LEU B 87 35.98 -9.73 -0.57
N ILE B 88 35.31 -10.10 0.53
CA ILE B 88 35.71 -9.60 1.84
C ILE B 88 37.09 -10.12 2.18
N ASP B 89 37.26 -11.43 2.03
CA ASP B 89 38.53 -12.08 2.33
C ASP B 89 39.66 -11.48 1.51
N LYS B 90 39.45 -11.29 0.20
CA LYS B 90 40.52 -10.87 -0.68
C LYS B 90 40.82 -9.38 -0.59
N TYR B 91 39.83 -8.54 -0.36
CA TYR B 91 40.01 -7.12 -0.62
C TYR B 91 39.63 -6.15 0.49
N MET B 92 39.07 -6.60 1.62
CA MET B 92 38.46 -5.66 2.56
C MET B 92 39.09 -5.77 3.96
N PRO B 93 40.31 -5.25 4.13
CA PRO B 93 40.96 -5.35 5.45
C PRO B 93 40.23 -4.62 6.56
N ASN B 94 39.63 -3.45 6.28
CA ASN B 94 38.87 -2.75 7.33
C ASN B 94 37.71 -3.61 7.83
N LEU B 95 36.93 -4.15 6.91
CA LEU B 95 35.80 -4.99 7.32
C LEU B 95 36.28 -6.24 8.04
N LYS B 96 37.28 -6.93 7.47
CA LYS B 96 37.85 -8.13 8.11
C LYS B 96 38.28 -7.84 9.54
N LYS B 97 38.88 -6.69 9.78
CA LYS B 97 39.31 -6.35 11.13
C LYS B 97 38.09 -6.20 12.06
N ILE B 98 37.00 -5.61 11.55
CA ILE B 98 35.76 -5.54 12.33
C ILE B 98 35.24 -6.93 12.66
N LEU B 99 35.21 -7.81 11.65
CA LEU B 99 34.64 -9.13 11.85
C LEU B 99 35.52 -10.00 12.72
N ASP B 100 36.81 -9.69 12.80
CA ASP B 100 37.70 -10.39 13.72
C ASP B 100 37.44 -9.98 15.16
N GLU B 101 37.28 -8.68 15.41
CA GLU B 101 37.04 -8.18 16.76
C GLU B 101 35.67 -8.58 17.28
N LYS B 102 34.64 -8.61 16.42
CA LYS B 102 33.28 -8.90 16.83
C LYS B 102 32.72 -9.99 15.90
N PRO B 103 33.07 -11.25 16.15
CA PRO B 103 32.66 -12.32 15.22
C PRO B 103 31.17 -12.57 15.19
N GLU B 104 30.41 -12.11 16.19
CA GLU B 104 28.98 -12.29 16.20
C GLU B 104 28.36 -11.73 14.94
N TYR B 105 28.93 -10.65 14.40
CA TYR B 105 28.39 -10.02 13.20
C TYR B 105 28.58 -10.86 11.96
N LYS B 106 29.66 -11.63 11.89
CA LYS B 106 29.86 -12.48 10.73
C LYS B 106 28.79 -13.55 10.67
N ALA B 107 28.42 -14.14 11.80
CA ALA B 107 27.28 -15.03 11.85
C ALA B 107 26.01 -14.34 11.36
N LEU B 108 25.78 -13.10 11.80
CA LEU B 108 24.60 -12.36 11.38
C LEU B 108 24.63 -12.02 9.89
N MET B 109 25.79 -11.94 9.27
CA MET B 109 25.88 -11.68 7.85
C MET B 109 25.65 -12.94 6.99
N THR B 110 25.69 -14.13 7.56
CA THR B 110 25.79 -15.36 6.77
C THR B 110 24.43 -16.05 6.64
N ALA B 111 23.98 -16.23 5.39
CA ALA B 111 22.77 -16.97 5.07
C ALA B 111 22.89 -18.44 5.45
N PRO B 112 21.75 -19.16 5.59
CA PRO B 112 21.83 -20.61 5.86
C PRO B 112 22.54 -21.41 4.78
N ASP B 113 22.66 -20.90 3.56
CA ASP B 113 23.37 -21.62 2.52
C ASP B 113 24.90 -21.40 2.59
N GLY B 114 25.38 -20.71 3.61
CA GLY B 114 26.79 -20.44 3.81
C GLY B 114 27.33 -19.20 3.13
N HIS B 115 26.56 -18.53 2.29
CA HIS B 115 27.08 -17.35 1.64
C HIS B 115 26.73 -16.07 2.40
N ILE B 116 27.46 -15.01 2.10
CA ILE B 116 27.16 -13.64 2.49
C ILE B 116 26.77 -12.86 1.23
N TYR B 117 25.64 -12.15 1.31
CA TYR B 117 25.08 -11.50 0.15
C TYR B 117 25.02 -9.99 0.25
N SER B 118 25.39 -9.39 1.38
CA SER B 118 25.19 -7.95 1.53
C SER B 118 26.13 -7.47 2.61
N PHE B 119 26.37 -6.17 2.61
CA PHE B 119 27.23 -5.52 3.57
C PHE B 119 26.37 -4.76 4.57
N PRO B 120 26.58 -4.95 5.87
CA PRO B 120 25.64 -4.42 6.86
C PRO B 120 25.96 -3.02 7.36
N TRP B 121 24.98 -2.45 8.05
CA TRP B 121 25.11 -1.29 8.92
C TRP B 121 25.22 -1.80 10.36
N ILE B 122 26.24 -1.33 11.10
CA ILE B 122 26.50 -1.75 12.48
C ILE B 122 26.65 -0.49 13.33
N GLU B 123 25.84 -0.39 14.38
CA GLU B 123 25.86 0.77 15.26
C GLU B 123 25.62 0.30 16.70
N GLU B 124 26.65 0.36 17.53
CA GLU B 124 26.53 -0.13 18.89
C GLU B 124 26.18 1.03 19.83
N LEU B 125 24.92 1.08 20.28
CA LEU B 125 24.39 2.11 21.22
C LEU B 125 23.51 1.39 22.25
N GLY B 126 24.12 0.97 23.34
CA GLY B 126 23.43 0.22 24.37
C GLY B 126 23.30 -1.24 23.99
N ASP B 127 23.07 -2.07 24.99
CA ASP B 127 22.93 -3.51 24.73
C ASP B 127 21.81 -4.10 25.57
N GLY B 128 21.19 -5.17 25.06
CA GLY B 128 20.07 -5.76 25.78
C GLY B 128 18.93 -4.78 26.00
N LYS B 129 18.32 -4.82 27.19
CA LYS B 129 17.24 -3.89 27.52
C LYS B 129 17.67 -2.44 27.37
N GLU B 130 18.96 -2.15 27.58
CA GLU B 130 19.47 -0.80 27.47
C GLU B 130 19.72 -0.33 26.05
N SER B 131 19.54 -1.20 25.05
CA SER B 131 19.61 -0.79 23.66
C SER B 131 18.79 0.46 23.36
N ILE B 132 19.35 1.34 22.56
CA ILE B 132 18.67 2.56 22.15
C ILE B 132 17.44 2.22 21.30
N HIS B 133 17.40 1.03 20.67
CA HIS B 133 16.28 0.53 19.90
C HIS B 133 15.17 -0.13 20.75
N SER B 134 15.35 -0.30 22.07
CA SER B 134 14.36 -1.04 22.86
C SER B 134 12.96 -0.42 22.76
N VAL B 135 12.89 0.89 22.62
CA VAL B 135 11.63 1.59 22.44
C VAL B 135 11.82 2.61 21.33
N ASN B 136 10.93 2.59 20.34
CA ASN B 136 11.04 3.54 19.25
C ASN B 136 10.05 4.69 19.39
N ASP B 137 8.78 4.38 19.60
CA ASP B 137 7.72 5.39 19.64
C ASP B 137 7.47 5.89 21.08
N MET B 138 8.48 6.57 21.61
CA MET B 138 8.36 7.18 22.95
C MET B 138 7.20 8.19 23.03
N ALA B 139 6.45 8.15 24.14
CA ALA B 139 5.39 9.13 24.39
C ALA B 139 5.94 10.35 25.12
N TRP B 140 5.48 11.55 24.72
CA TRP B 140 5.91 12.84 25.25
C TRP B 140 4.69 13.65 25.68
N ILE B 141 4.86 14.48 26.69
CA ILE B 141 3.72 15.25 27.19
C ILE B 141 4.17 16.69 27.46
N ASN B 142 3.23 17.62 27.27
CA ASN B 142 3.46 19.03 27.48
C ASN B 142 3.41 19.33 28.98
N LYS B 143 4.60 19.42 29.59
CA LYS B 143 4.71 19.85 30.99
C LYS B 143 4.23 21.28 31.21
N ASP B 144 4.40 22.17 30.23
CA ASP B 144 3.91 23.53 30.42
C ASP B 144 2.41 23.54 30.63
N TRP B 145 1.69 22.73 29.86
CA TRP B 145 0.25 22.68 30.01
C TRP B 145 -0.13 22.09 31.36
N LEU B 146 0.55 21.02 31.80
CA LEU B 146 0.32 20.50 33.15
C LEU B 146 0.45 21.61 34.20
N LYS B 147 1.53 22.40 34.11
CA LYS B 147 1.76 23.46 35.09
C LYS B 147 0.71 24.55 34.97
N LYS B 148 0.37 24.97 33.74
CA LYS B 148 -0.60 26.03 33.54
C LYS B 148 -1.97 25.69 34.15
N LEU B 149 -2.39 24.43 34.04
CA LEU B 149 -3.68 23.96 34.51
C LEU B 149 -3.62 23.38 35.91
N GLY B 150 -2.46 23.36 36.55
CA GLY B 150 -2.34 22.80 37.88
C GLY B 150 -2.60 21.30 37.99
N LEU B 151 -2.07 20.52 37.07
CA LEU B 151 -2.30 19.08 36.99
C LEU B 151 -1.06 18.27 37.32
N GLU B 152 -1.24 17.14 38.00
CA GLU B 152 -0.14 16.22 38.22
C GLU B 152 0.15 15.38 36.97
N MET B 153 1.39 14.93 36.87
CA MET B 153 1.76 13.98 35.83
C MET B 153 0.89 12.73 35.98
N PRO B 154 0.23 12.27 34.91
CA PRO B 154 -0.56 11.03 35.00
C PRO B 154 0.29 9.86 35.49
N LYS B 155 -0.31 9.02 36.35
CA LYS B 155 0.32 7.79 36.79
C LYS B 155 -0.38 6.58 36.22
N THR B 156 -1.63 6.74 35.80
CA THR B 156 -2.47 5.64 35.39
C THR B 156 -3.12 6.00 34.06
N THR B 157 -3.60 4.98 33.34
CA THR B 157 -4.35 5.24 32.11
C THR B 157 -5.60 6.08 32.39
N ASP B 158 -6.24 5.88 33.54
CA ASP B 158 -7.35 6.73 33.94
C ASP B 158 -6.91 8.18 34.18
N ASP B 159 -5.78 8.41 34.86
CA ASP B 159 -5.24 9.77 34.98
C ASP B 159 -5.00 10.38 33.60
N LEU B 160 -4.48 9.58 32.66
CA LEU B 160 -4.21 10.10 31.32
C LEU B 160 -5.48 10.64 30.66
N ILE B 161 -6.60 9.89 30.76
CA ILE B 161 -7.85 10.37 30.18
C ILE B 161 -8.24 11.72 30.77
N LYS B 162 -8.15 11.83 32.11
CA LYS B 162 -8.55 13.07 32.77
C LYS B 162 -7.65 14.22 32.39
N VAL B 163 -6.34 13.99 32.28
CA VAL B 163 -5.45 15.07 31.85
C VAL B 163 -5.78 15.51 30.42
N LEU B 164 -6.01 14.54 29.51
CA LEU B 164 -6.35 14.87 28.14
C LEU B 164 -7.67 15.65 28.04
N GLU B 165 -8.67 15.25 28.83
CA GLU B 165 -9.92 15.99 28.90
C GLU B 165 -9.70 17.42 29.42
N ALA B 166 -8.84 17.60 30.43
CA ALA B 166 -8.52 18.96 30.87
C ALA B 166 -7.86 19.79 29.76
N PHE B 167 -6.96 19.17 28.99
CA PHE B 167 -6.33 19.83 27.86
C PHE B 167 -7.37 20.30 26.85
N LYS B 168 -8.35 19.45 26.56
CA LYS B 168 -9.43 19.78 25.63
C LYS B 168 -10.33 20.87 26.17
N ASN B 169 -10.77 20.74 27.41
CA ASN B 169 -11.79 21.64 27.94
C ASN B 169 -11.17 22.88 28.55
N GLY B 170 -9.89 22.87 28.86
CA GLY B 170 -9.22 24.05 29.32
C GLY B 170 -8.64 24.76 28.13
N ASP B 171 -7.86 25.79 28.42
CA ASP B 171 -7.22 26.58 27.38
C ASP B 171 -5.72 26.59 27.59
N PRO B 172 -5.07 25.43 27.52
CA PRO B 172 -3.66 25.38 27.94
C PRO B 172 -2.72 26.13 27.03
N ASN B 173 -3.06 26.32 25.75
CA ASN B 173 -2.17 26.95 24.75
C ASN B 173 -1.73 28.35 25.15
N GLY B 174 -2.13 28.69 26.37
CA GLY B 174 -3.11 29.72 26.64
C GLY B 174 -2.92 31.20 26.45
N ASN B 175 -3.88 31.79 25.74
CA ASN B 175 -5.02 31.04 25.24
C ASN B 175 -4.78 30.49 23.83
N GLY B 176 -3.72 30.97 23.17
CA GLY B 176 -3.40 30.60 21.80
C GLY B 176 -4.58 30.53 20.87
N GLU B 177 -5.36 31.62 20.79
CA GLU B 177 -6.78 31.58 20.44
C GLU B 177 -7.40 30.35 21.11
N ALA B 178 -7.23 29.13 20.56
CA ALA B 178 -7.59 27.90 21.28
C ALA B 178 -7.19 26.60 20.57
N ALA B 179 -5.99 26.53 19.99
CA ALA B 179 -5.63 25.40 19.11
C ALA B 179 -4.91 24.29 19.89
N ALA B 180 -5.67 23.55 20.70
CA ALA B 180 -5.09 22.49 21.53
C ALA B 180 -5.52 21.11 21.03
N ILE B 181 -4.53 20.28 20.71
CA ILE B 181 -4.77 18.92 20.22
C ILE B 181 -4.35 17.96 21.33
N PRO B 182 -5.27 17.36 22.06
CA PRO B 182 -4.84 16.59 23.24
C PRO B 182 -3.89 15.43 22.93
N PHE B 183 -4.18 14.61 21.92
CA PHE B 183 -3.50 13.33 21.71
C PHE B 183 -3.29 13.15 20.19
N SER B 184 -2.05 12.91 19.77
CA SER B 184 -1.78 12.79 18.34
C SER B 184 -0.73 11.72 18.09
N PHE B 185 -0.67 11.27 16.84
CA PHE B 185 0.22 10.18 16.45
C PHE B 185 0.21 10.07 14.92
N ILE B 186 1.11 9.26 14.40
CA ILE B 186 1.03 8.86 12.99
C ILE B 186 0.89 7.34 13.00
N SER B 187 -0.25 6.85 12.52
CA SER B 187 -0.67 5.47 12.72
C SER B 187 0.06 4.50 11.78
N GLY B 188 0.43 3.33 12.31
CA GLY B 188 1.13 2.32 11.51
C GLY B 188 2.39 1.85 12.19
N ASN B 189 3.38 1.42 11.43
CA ASN B 189 4.69 1.18 12.01
C ASN B 189 5.38 2.50 12.31
N GLY B 190 6.44 2.42 13.08
CA GLY B 190 7.40 3.49 13.18
C GLY B 190 7.25 4.34 14.43
N ASN B 191 8.03 5.41 14.44
CA ASN B 191 8.36 6.11 15.66
C ASN B 191 7.20 6.96 16.18
N GLU B 192 6.18 7.21 15.37
CA GLU B 192 5.11 8.14 15.74
C GLU B 192 3.78 7.44 16.02
N ASP B 193 3.76 6.11 16.03
CA ASP B 193 2.55 5.34 16.36
C ASP B 193 2.27 5.36 17.88
N PHE B 194 1.03 5.06 18.24
CA PHE B 194 0.59 5.05 19.64
C PHE B 194 0.76 3.68 20.33
N LYS B 195 1.27 2.65 19.64
CA LYS B 195 1.23 1.30 20.20
C LYS B 195 2.06 1.14 21.49
N PHE B 196 3.01 2.01 21.76
CA PHE B 196 3.73 2.00 23.04
C PHE B 196 2.79 1.89 24.27
N LEU B 197 1.62 2.52 24.24
CA LEU B 197 0.67 2.48 25.35
C LEU B 197 -0.09 1.17 25.53
N PHE B 198 -0.08 0.27 24.54
CA PHE B 198 -0.79 -1.00 24.71
C PHE B 198 -0.24 -1.81 25.89
N ALA B 199 1.03 -1.63 26.22
CA ALA B 199 1.64 -2.41 27.28
C ALA B 199 1.08 -2.03 28.67
N ALA B 200 0.46 -0.88 28.82
CA ALA B 200 -0.27 -0.55 30.05
C ALA B 200 -1.43 -1.51 30.32
N PHE B 201 -1.85 -2.32 29.35
CA PHE B 201 -2.83 -3.38 29.58
C PHE B 201 -2.19 -4.78 29.63
N GLY B 202 -0.87 -4.84 29.82
CA GLY B 202 -0.11 -6.07 29.84
C GLY B 202 0.35 -6.46 28.46
N ILE B 203 1.59 -6.95 28.34
CA ILE B 203 2.20 -7.52 27.12
C ILE B 203 2.51 -6.46 26.05
N GLY B 204 1.50 -5.74 25.57
CA GLY B 204 1.75 -4.63 24.68
C GLY B 204 1.94 -5.08 23.23
N ASP B 205 2.70 -4.31 22.46
CA ASP B 205 2.74 -4.54 20.99
C ASP B 205 4.03 -3.93 20.45
N ASN B 206 4.46 -4.40 19.28
CA ASN B 206 5.54 -3.73 18.57
C ASN B 206 5.27 -3.83 17.07
N ASP B 207 6.19 -3.31 16.25
CA ASP B 207 5.97 -3.29 14.80
C ASP B 207 5.99 -4.69 14.18
N ASP B 208 6.66 -5.66 14.82
CA ASP B 208 6.56 -7.06 14.43
C ASP B 208 5.30 -7.75 14.93
N HIS B 209 4.56 -7.12 15.84
CA HIS B 209 3.52 -7.79 16.61
C HIS B 209 4.02 -9.10 17.22
N LEU B 210 5.24 -9.10 17.74
CA LEU B 210 5.84 -10.33 18.23
C LEU B 210 6.77 -10.04 19.38
N VAL B 211 6.52 -10.67 20.52
CA VAL B 211 7.38 -10.61 21.70
C VAL B 211 7.71 -12.05 22.12
N VAL B 212 8.65 -12.18 23.03
CA VAL B 212 9.07 -13.48 23.55
C VAL B 212 8.75 -13.56 25.04
N GLY B 213 7.90 -14.50 25.43
CA GLY B 213 7.58 -14.68 26.83
C GLY B 213 8.78 -15.17 27.64
N ASN B 214 8.70 -14.97 28.97
CA ASN B 214 9.72 -15.51 29.86
C ASN B 214 9.62 -17.02 30.04
N ASP B 215 8.58 -17.64 29.51
CA ASP B 215 8.56 -19.08 29.35
C ASP B 215 9.20 -19.52 28.04
N GLY B 216 9.77 -18.60 27.28
CA GLY B 216 10.41 -18.94 26.02
C GLY B 216 9.47 -19.18 24.86
N LYS B 217 8.19 -18.82 24.99
CA LYS B 217 7.23 -18.98 23.93
C LYS B 217 7.01 -17.67 23.19
N VAL B 218 7.15 -17.71 21.87
CA VAL B 218 6.88 -16.57 21.01
C VAL B 218 5.39 -16.25 21.03
N ASP B 219 5.06 -14.96 21.20
CA ASP B 219 3.68 -14.49 21.31
C ASP B 219 3.36 -13.47 20.22
N PHE B 220 2.40 -13.80 19.38
CA PHE B 220 1.83 -12.82 18.46
C PHE B 220 0.90 -11.90 19.26
N THR B 221 1.23 -10.62 19.33
CA THR B 221 0.57 -9.73 20.26
C THR B 221 -0.83 -9.31 19.82
N ALA B 222 -1.10 -9.32 18.51
CA ALA B 222 -2.32 -8.69 18.04
C ALA B 222 -3.52 -9.65 18.01
N ASP B 223 -3.43 -10.83 18.63
CA ASP B 223 -4.65 -11.56 18.95
C ASP B 223 -4.85 -11.71 20.48
N ASN B 224 -4.18 -10.89 21.29
CA ASN B 224 -4.25 -11.00 22.75
C ASN B 224 -5.44 -10.21 23.28
N ASP B 225 -6.08 -10.73 24.33
CA ASP B 225 -7.09 -9.95 25.04
C ASP B 225 -6.53 -8.62 25.50
N ASN B 226 -5.25 -8.60 25.90
CA ASN B 226 -4.61 -7.36 26.32
C ASN B 226 -4.60 -6.35 25.18
N TYR B 227 -4.37 -6.82 23.95
CA TYR B 227 -4.35 -5.94 22.80
C TYR B 227 -5.73 -5.38 22.52
N LYS B 228 -6.75 -6.23 22.57
CA LYS B 228 -8.13 -5.77 22.47
C LYS B 228 -8.42 -4.63 23.47
N GLU B 229 -7.98 -4.80 24.72
CA GLU B 229 -8.17 -3.74 25.72
C GLU B 229 -7.41 -2.46 25.32
N GLY B 230 -6.23 -2.59 24.74
CA GLY B 230 -5.52 -1.42 24.26
C GLY B 230 -6.29 -0.68 23.17
N VAL B 231 -6.87 -1.42 22.22
CA VAL B 231 -7.72 -0.79 21.21
C VAL B 231 -8.90 -0.08 21.87
N LYS B 232 -9.56 -0.74 22.81
CA LYS B 232 -10.69 -0.12 23.50
C LYS B 232 -10.29 1.19 24.18
N PHE B 233 -9.11 1.24 24.77
CA PHE B 233 -8.64 2.48 25.39
C PHE B 233 -8.48 3.60 24.36
N ILE B 234 -7.85 3.30 23.21
CA ILE B 234 -7.72 4.36 22.20
C ILE B 234 -9.09 4.75 21.67
N ARG B 235 -10.00 3.76 21.56
CA ARG B 235 -11.36 4.06 21.13
C ARG B 235 -12.03 5.05 22.10
N GLN B 236 -11.86 4.86 23.41
CA GLN B 236 -12.37 5.84 24.37
C GLN B 236 -11.86 7.24 24.06
N LEU B 237 -10.56 7.35 23.77
CA LEU B 237 -10.00 8.67 23.47
C LEU B 237 -10.68 9.28 22.26
N GLN B 238 -10.83 8.50 21.18
CA GLN B 238 -11.58 8.92 20.01
C GLN B 238 -12.99 9.37 20.37
N GLU B 239 -13.74 8.51 21.08
CA GLU B 239 -15.12 8.82 21.46
C GLU B 239 -15.21 10.15 22.18
N LYS B 240 -14.25 10.48 23.01
CA LYS B 240 -14.29 11.70 23.82
C LYS B 240 -13.76 12.93 23.11
N GLY B 241 -13.42 12.81 21.82
CA GLY B 241 -12.91 13.94 21.06
C GLY B 241 -11.51 14.43 21.43
N LEU B 242 -10.64 13.54 21.92
CA LEU B 242 -9.31 13.86 22.37
C LEU B 242 -8.23 13.63 21.32
N ILE B 243 -8.54 12.92 20.24
CA ILE B 243 -7.56 12.60 19.20
C ILE B 243 -7.60 13.65 18.08
N ASP B 244 -6.42 14.14 17.71
CA ASP B 244 -6.14 14.91 16.52
C ASP B 244 -7.06 14.43 15.40
N LYS B 245 -7.87 15.34 14.86
CA LYS B 245 -8.88 14.94 13.89
C LYS B 245 -8.26 14.47 12.57
N GLU B 246 -6.99 14.74 12.31
CA GLU B 246 -6.34 14.22 11.12
C GLU B 246 -5.28 13.16 11.44
N ALA B 247 -5.37 12.51 12.61
CA ALA B 247 -4.34 11.57 13.02
C ALA B 247 -4.15 10.45 12.00
N PHE B 248 -5.23 9.98 11.38
CA PHE B 248 -5.16 8.88 10.43
C PHE B 248 -4.93 9.34 9.00
N GLU B 249 -4.68 10.63 8.75
CA GLU B 249 -4.48 11.13 7.40
C GLU B 249 -3.19 11.94 7.22
N HIS B 250 -2.74 12.66 8.26
CA HIS B 250 -1.64 13.60 8.05
C HIS B 250 -0.32 12.88 7.81
N ASP B 251 0.70 13.63 7.43
CA ASP B 251 2.01 13.05 7.22
C ASP B 251 3.03 13.65 8.20
N TRP B 252 4.29 13.25 8.04
CA TRP B 252 5.35 13.74 8.93
C TRP B 252 5.52 15.25 8.91
N ASN B 253 5.45 15.86 7.73
CA ASN B 253 5.71 17.29 7.65
C ASN B 253 4.60 18.07 8.35
N SER B 254 3.35 17.62 8.22
CA SER B 254 2.27 18.27 8.92
C SER B 254 2.37 18.07 10.45
N TYR B 255 2.68 16.84 10.87
CA TYR B 255 2.92 16.50 12.27
C TYR B 255 3.92 17.45 12.92
N ILE B 256 5.07 17.67 12.27
CA ILE B 256 6.10 18.50 12.88
C ILE B 256 5.77 19.99 12.77
N ALA B 257 4.98 20.39 11.77
CA ALA B 257 4.46 21.76 11.74
C ALA B 257 3.57 22.05 12.94
N LYS B 258 2.62 21.14 13.23
CA LYS B 258 1.81 21.28 14.43
C LYS B 258 2.65 21.20 15.69
N GLY B 259 3.59 20.24 15.73
CA GLY B 259 4.52 20.15 16.83
C GLY B 259 5.35 21.41 17.03
N HIS B 260 5.77 22.05 15.94
CA HIS B 260 6.60 23.24 16.09
C HIS B 260 5.80 24.37 16.77
N ASP B 261 4.51 24.45 16.49
CA ASP B 261 3.58 25.39 17.10
C ASP B 261 3.10 24.95 18.49
N GLN B 262 3.67 23.89 19.06
CA GLN B 262 3.30 23.39 20.39
C GLN B 262 1.81 23.12 20.55
N LYS B 263 1.20 22.48 19.57
CA LYS B 263 -0.23 22.21 19.65
C LYS B 263 -0.59 20.89 20.37
N PHE B 264 0.37 20.01 20.62
CA PHE B 264 0.12 18.66 21.11
C PHE B 264 0.15 18.63 22.63
N GLY B 265 -0.84 17.95 23.22
CA GLY B 265 -0.74 17.59 24.63
C GLY B 265 0.19 16.39 24.86
N VAL B 266 -0.10 15.29 24.17
CA VAL B 266 0.64 14.04 24.26
C VAL B 266 0.82 13.56 22.81
N TYR B 267 2.03 13.17 22.45
CA TYR B 267 2.29 12.69 21.09
C TYR B 267 3.47 11.73 21.17
N PHE B 268 3.75 11.04 20.06
CA PHE B 268 4.77 10.00 20.00
C PHE B 268 5.85 10.37 18.98
N THR B 269 7.11 10.21 19.34
CA THR B 269 8.19 10.29 18.35
C THR B 269 9.45 9.67 18.93
N TRP B 270 10.47 9.50 18.08
CA TRP B 270 11.78 9.03 18.56
C TRP B 270 12.45 10.06 19.48
N ASP B 271 12.47 11.33 19.07
CA ASP B 271 13.15 12.42 19.76
C ASP B 271 12.31 13.70 19.64
N LYS B 272 11.81 14.21 20.79
CA LYS B 272 11.01 15.44 20.78
C LYS B 272 11.68 16.59 20.01
N ASN B 273 13.00 16.61 19.93
CA ASN B 273 13.69 17.71 19.28
C ASN B 273 13.41 17.75 17.77
N ASN B 274 12.92 16.68 17.18
CA ASN B 274 12.51 16.73 15.78
C ASN B 274 11.08 17.22 15.58
N VAL B 275 10.27 17.27 16.65
CA VAL B 275 8.86 17.56 16.49
C VAL B 275 8.46 18.85 17.23
N THR B 276 8.64 18.90 18.54
CA THR B 276 8.26 20.10 19.28
C THR B 276 9.45 21.01 19.58
N GLY B 277 10.66 20.61 19.22
CA GLY B 277 11.81 21.49 19.29
C GLY B 277 12.62 21.33 20.56
N SER B 278 13.65 22.15 20.69
CA SER B 278 14.58 22.00 21.82
C SER B 278 14.16 23.02 22.86
N ASN B 279 13.39 22.56 23.83
CA ASN B 279 12.88 23.39 24.91
C ASN B 279 12.46 22.44 26.00
N GLU B 280 12.08 23.00 27.13
CA GLU B 280 11.65 22.20 28.26
C GLU B 280 10.13 22.17 28.37
N SER B 281 9.42 22.56 27.32
CA SER B 281 7.97 22.44 27.39
C SER B 281 7.51 20.98 27.37
N TYR B 282 8.27 20.08 26.75
CA TYR B 282 7.86 18.68 26.66
C TYR B 282 8.88 17.79 27.39
N ASP B 283 8.37 16.67 27.89
CA ASP B 283 9.20 15.70 28.57
C ASP B 283 8.60 14.32 28.38
N VAL B 284 9.37 13.31 28.77
CA VAL B 284 8.95 11.91 28.67
C VAL B 284 7.69 11.67 29.50
N LEU B 285 6.68 11.08 28.88
CA LEU B 285 5.53 10.61 29.66
C LEU B 285 5.94 9.34 30.40
N PRO B 286 5.92 9.29 31.73
CA PRO B 286 6.39 8.06 32.40
C PRO B 286 5.45 6.90 32.12
N VAL B 287 6.00 5.68 32.26
CA VAL B 287 5.21 4.47 32.02
C VAL B 287 3.97 4.48 32.92
N LEU B 288 2.82 4.22 32.33
CA LEU B 288 1.53 4.29 33.01
C LEU B 288 1.06 2.91 33.48
N ALA B 289 0.42 2.90 34.65
CA ALA B 289 -0.25 1.72 35.17
C ALA B 289 -1.67 1.60 34.57
N GLY B 290 -2.05 0.38 34.14
CA GLY B 290 -3.38 0.15 33.65
C GLY B 290 -4.39 -0.03 34.78
N PRO B 291 -5.63 -0.32 34.41
CA PRO B 291 -6.71 -0.39 35.40
C PRO B 291 -6.51 -1.48 36.45
N SER B 292 -5.90 -2.62 36.11
CA SER B 292 -5.61 -3.66 37.07
C SER B 292 -4.18 -3.61 37.59
N GLY B 293 -3.46 -2.51 37.41
CA GLY B 293 -2.09 -2.44 37.85
C GLY B 293 -1.03 -2.96 36.87
N GLN B 294 -1.44 -3.36 35.65
CA GLN B 294 -0.47 -3.69 34.60
C GLN B 294 0.44 -2.50 34.36
N LYS B 295 1.74 -2.73 34.37
CA LYS B 295 2.67 -1.66 34.11
C LYS B 295 3.87 -2.27 33.40
N HIS B 296 4.08 -1.93 32.14
CA HIS B 296 4.97 -2.73 31.30
C HIS B 296 5.49 -1.88 30.13
N VAL B 297 6.69 -2.20 29.67
CA VAL B 297 7.21 -1.73 28.39
C VAL B 297 7.47 -2.94 27.52
N ALA B 298 6.75 -3.04 26.43
CA ALA B 298 7.04 -4.05 25.42
C ALA B 298 8.38 -3.76 24.73
N ARG B 299 9.27 -4.73 24.63
CA ARG B 299 10.49 -4.53 23.84
C ARG B 299 10.22 -4.64 22.34
N THR B 300 10.70 -3.68 21.55
CA THR B 300 10.79 -3.94 20.12
C THR B 300 11.83 -5.06 19.86
N ASN B 301 11.91 -5.51 18.63
CA ASN B 301 12.94 -6.42 18.21
C ASN B 301 14.06 -5.69 17.47
N GLY B 302 14.12 -4.37 17.63
CA GLY B 302 15.13 -3.59 16.94
C GLY B 302 16.51 -3.76 17.53
N MET B 303 17.52 -3.45 16.73
CA MET B 303 18.92 -3.57 17.15
C MET B 303 19.80 -2.71 16.23
N GLY B 304 21.03 -2.45 16.68
CA GLY B 304 21.98 -1.65 15.92
C GLY B 304 22.70 -2.45 14.84
N PHE B 305 21.91 -3.09 13.98
CA PHE B 305 22.36 -3.96 12.90
C PHE B 305 21.29 -3.99 11.81
N ALA B 306 21.71 -3.80 10.57
CA ALA B 306 20.88 -4.04 9.41
C ALA B 306 21.70 -4.89 8.42
N ARG B 307 21.12 -6.01 8.01
CA ARG B 307 21.80 -7.00 7.18
C ARG B 307 22.31 -6.37 5.88
N ASP B 308 21.49 -5.55 5.25
CA ASP B 308 21.76 -5.11 3.88
C ASP B 308 21.66 -3.60 3.76
N LYS B 309 22.80 -2.94 3.74
CA LYS B 309 22.91 -1.57 3.25
C LYS B 309 23.73 -1.47 1.95
N MET B 310 24.11 -2.59 1.35
CA MET B 310 24.71 -2.63 0.02
C MET B 310 24.72 -4.05 -0.57
N VAL B 311 24.35 -4.20 -1.85
CA VAL B 311 24.49 -5.45 -2.59
C VAL B 311 25.20 -5.14 -3.90
N ILE B 312 25.84 -6.16 -4.47
CA ILE B 312 26.59 -6.07 -5.73
C ILE B 312 25.90 -6.94 -6.77
N THR B 313 25.63 -6.36 -7.93
CA THR B 313 24.84 -7.03 -8.94
C THR B 313 25.73 -7.86 -9.85
N SER B 314 25.07 -8.75 -10.62
CA SER B 314 25.71 -9.64 -11.58
C SER B 314 26.24 -8.95 -12.83
N VAL B 315 25.91 -7.68 -13.07
CA VAL B 315 26.51 -7.00 -14.20
C VAL B 315 27.72 -6.17 -13.80
N ASN B 316 28.07 -6.17 -12.51
CA ASN B 316 29.26 -5.46 -12.07
C ASN B 316 30.48 -6.11 -12.70
N LYS B 317 31.26 -5.33 -13.43
CA LYS B 317 32.42 -5.86 -14.10
C LYS B 317 33.72 -5.40 -13.46
N ASN B 318 33.65 -4.81 -12.26
CA ASN B 318 34.79 -4.25 -11.59
C ASN B 318 34.70 -4.60 -10.11
N LEU B 319 34.71 -5.90 -9.81
CA LEU B 319 34.46 -6.33 -8.44
C LEU B 319 35.55 -5.87 -7.47
N GLU B 320 36.82 -5.91 -7.91
CA GLU B 320 37.95 -5.49 -7.08
C GLU B 320 37.81 -4.02 -6.69
N LEU B 321 37.56 -3.18 -7.67
CA LEU B 321 37.40 -1.76 -7.41
C LEU B 321 36.22 -1.51 -6.48
N THR B 322 35.12 -2.22 -6.71
CA THR B 322 33.90 -2.01 -5.92
C THR B 322 34.12 -2.43 -4.49
N ALA B 323 34.67 -3.63 -4.27
CA ALA B 323 34.93 -4.12 -2.93
C ALA B 323 35.90 -3.19 -2.18
N LYS B 324 36.94 -2.71 -2.86
CA LYS B 324 37.81 -1.75 -2.19
C LYS B 324 37.09 -0.43 -1.91
N TRP B 325 36.21 0.01 -2.80
CA TRP B 325 35.44 1.20 -2.49
C TRP B 325 34.62 0.97 -1.22
N ILE B 326 34.00 -0.21 -1.11
CA ILE B 326 33.12 -0.46 0.02
C ILE B 326 33.93 -0.51 1.31
N ASP B 327 35.13 -1.11 1.26
CA ASP B 327 35.95 -1.20 2.46
C ASP B 327 36.39 0.17 2.96
N ALA B 328 36.57 1.14 2.07
CA ALA B 328 36.81 2.49 2.52
C ALA B 328 35.68 2.99 3.41
N GLN B 329 34.45 2.51 3.19
CA GLN B 329 33.33 2.97 4.01
C GLN B 329 33.44 2.45 5.44
N TYR B 330 34.05 1.27 5.63
CA TYR B 330 34.27 0.67 6.93
C TYR B 330 35.50 1.20 7.67
N ALA B 331 36.28 2.09 7.09
CA ALA B 331 37.30 2.76 7.88
C ALA B 331 36.63 3.57 8.99
N PRO B 332 37.08 3.47 10.24
CA PRO B 332 36.33 4.09 11.34
C PRO B 332 35.94 5.56 11.13
N LEU B 333 36.86 6.45 10.78
CA LEU B 333 36.45 7.85 10.57
C LEU B 333 35.46 8.00 9.42
N GLN B 334 35.55 7.15 8.40
CA GLN B 334 34.57 7.18 7.31
C GLN B 334 33.20 6.70 7.77
N SER B 335 33.14 5.60 8.52
CA SER B 335 31.85 5.04 8.96
C SER B 335 31.08 6.02 9.82
N VAL B 336 31.76 6.64 10.78
CA VAL B 336 31.16 7.64 11.66
C VAL B 336 30.53 8.76 10.84
N GLN B 337 31.26 9.29 9.87
CA GLN B 337 30.72 10.39 9.08
C GLN B 337 29.58 9.94 8.17
N ASN B 338 29.78 8.85 7.43
CA ASN B 338 28.71 8.36 6.58
C ASN B 338 27.42 8.20 7.36
N ASN B 339 27.53 7.77 8.62
CA ASN B 339 26.36 7.56 9.46
C ASN B 339 25.71 8.87 9.87
N TRP B 340 26.51 9.86 10.28
CA TRP B 340 25.99 10.95 11.07
C TRP B 340 26.22 12.34 10.47
N GLY B 341 27.17 12.51 9.54
CA GLY B 341 27.44 13.82 8.94
C GLY B 341 28.91 14.23 8.99
N THR B 342 29.26 15.51 8.84
CA THR B 342 30.66 15.83 8.60
C THR B 342 31.05 17.16 9.25
N TYR B 343 32.26 17.62 8.93
CA TYR B 343 32.90 18.78 9.49
C TYR B 343 33.33 19.67 8.34
N GLY B 344 33.53 20.94 8.64
CA GLY B 344 34.30 21.80 7.77
C GLY B 344 33.55 22.48 6.65
N ASP B 345 32.24 22.43 6.64
CA ASP B 345 31.49 23.10 5.60
C ASP B 345 31.30 24.56 6.02
N ASP B 346 31.64 25.47 5.12
CA ASP B 346 31.46 26.88 5.39
C ASP B 346 30.14 27.43 4.89
N LYS B 347 29.37 26.63 4.15
CA LYS B 347 28.07 27.06 3.67
C LYS B 347 26.91 26.44 4.45
N GLN B 348 27.19 25.54 5.38
CA GLN B 348 26.13 24.79 6.03
C GLN B 348 26.59 24.39 7.43
N GLN B 349 25.64 24.26 8.35
CA GLN B 349 25.94 23.76 9.68
C GLN B 349 26.58 22.37 9.58
N ASN B 350 27.51 22.08 10.49
CA ASN B 350 28.22 20.81 10.52
C ASN B 350 27.83 20.03 11.76
N ILE B 351 27.72 18.71 11.60
CA ILE B 351 27.48 17.82 12.73
C ILE B 351 28.74 17.71 13.59
N PHE B 352 29.91 17.73 12.96
CA PHE B 352 31.19 17.46 13.61
C PHE B 352 32.15 18.62 13.45
N GLU B 353 33.17 18.61 14.30
CA GLU B 353 34.45 19.24 14.02
C GLU B 353 35.51 18.15 14.07
N LEU B 354 36.56 18.30 13.27
CA LEU B 354 37.64 17.34 13.24
C LEU B 354 38.77 17.81 14.15
N ASP B 355 39.22 16.92 15.04
CA ASP B 355 40.35 17.20 15.94
C ASP B 355 41.61 16.64 15.29
N GLN B 356 42.39 17.53 14.67
CA GLN B 356 43.56 17.10 13.92
C GLN B 356 44.62 16.46 14.81
N ALA B 357 44.81 16.98 16.02
CA ALA B 357 45.82 16.44 16.91
C ALA B 357 45.58 14.96 17.19
N SER B 358 44.34 14.60 17.52
CA SER B 358 44.01 13.22 17.87
C SER B 358 43.41 12.44 16.71
N ASN B 359 43.28 13.05 15.54
CA ASN B 359 42.66 12.42 14.38
C ASN B 359 41.29 11.80 14.71
N SER B 360 40.45 12.58 15.38
CA SER B 360 39.17 12.09 15.83
C SER B 360 38.13 13.19 15.65
N LEU B 361 36.88 12.77 15.65
CA LEU B 361 35.73 13.62 15.40
C LEU B 361 35.04 13.96 16.71
N LYS B 362 34.55 15.18 16.81
CA LYS B 362 33.84 15.64 18.00
C LYS B 362 32.51 16.26 17.57
N HIS B 363 31.42 15.82 18.20
CA HIS B 363 30.09 16.36 17.90
C HIS B 363 30.01 17.83 18.31
N LEU B 364 29.47 18.61 17.48
CA LEU B 364 29.18 20.01 17.78
C LEU B 364 27.77 20.15 18.36
N PRO B 365 27.52 21.13 19.22
CA PRO B 365 26.16 21.41 19.63
C PRO B 365 25.29 21.78 18.42
N LEU B 366 24.04 21.38 18.47
CA LEU B 366 23.11 21.63 17.37
C LEU B 366 22.43 23.00 17.45
N ASN B 367 22.41 23.63 18.62
CA ASN B 367 21.90 25.00 18.76
C ASN B 367 20.47 25.14 18.25
N GLY B 368 19.62 24.19 18.62
CA GLY B 368 18.24 24.22 18.23
C GLY B 368 17.91 23.62 16.88
N THR B 369 18.89 23.23 16.08
CA THR B 369 18.56 22.57 14.82
C THR B 369 18.08 21.16 15.14
N ALA B 370 16.98 20.76 14.55
CA ALA B 370 16.47 19.41 14.67
C ALA B 370 17.55 18.40 14.27
N PRO B 371 17.91 17.46 15.15
CA PRO B 371 18.95 16.48 14.80
C PRO B 371 18.68 15.73 13.51
N ALA B 372 17.47 15.25 13.29
CA ALA B 372 17.19 14.49 12.08
C ALA B 372 17.31 15.35 10.81
N GLU B 373 17.10 16.66 10.92
CA GLU B 373 17.10 17.52 9.74
C GLU B 373 18.51 17.72 9.19
N LEU B 374 19.47 18.07 10.06
CA LEU B 374 20.83 18.27 9.59
C LEU B 374 21.47 16.94 9.19
N ARG B 375 21.19 15.88 9.92
CA ARG B 375 21.66 14.57 9.56
C ARG B 375 21.21 14.12 8.18
N GLN B 376 19.95 14.29 7.86
CA GLN B 376 19.44 13.93 6.53
C GLN B 376 20.18 14.65 5.42
N LYS B 377 20.51 15.92 5.63
CA LYS B 377 21.13 16.69 4.56
C LYS B 377 22.57 16.28 4.33
N THR B 378 23.26 15.77 5.35
CA THR B 378 24.70 15.61 5.27
C THR B 378 25.21 14.19 5.49
N GLU B 379 24.38 13.25 5.92
CA GLU B 379 24.78 11.85 6.04
C GLU B 379 24.83 11.20 4.65
N VAL B 380 25.33 9.96 4.60
CA VAL B 380 25.46 9.22 3.36
C VAL B 380 24.74 7.88 3.46
N GLY B 381 24.61 7.35 4.66
CA GLY B 381 24.04 6.02 4.78
C GLY B 381 25.00 4.96 4.20
N GLY B 382 24.43 3.86 3.74
CA GLY B 382 25.21 2.78 3.19
C GLY B 382 25.89 1.90 4.23
N PRO B 383 26.77 1.00 3.80
CA PRO B 383 27.36 0.04 4.73
C PRO B 383 28.46 0.68 5.58
N LEU B 384 28.50 0.36 6.87
CA LEU B 384 29.40 1.03 7.80
C LEU B 384 29.38 0.30 9.15
N ALA B 385 30.38 0.58 9.99
CA ALA B 385 30.39 0.03 11.35
C ALA B 385 30.83 1.06 12.38
N ILE B 386 30.09 1.17 13.47
CA ILE B 386 30.51 1.97 14.63
C ILE B 386 30.44 1.05 15.85
N LEU B 387 31.58 0.75 16.45
CA LEU B 387 31.63 -0.15 17.60
C LEU B 387 31.75 0.66 18.88
N ASP B 388 31.36 0.07 20.00
CA ASP B 388 31.34 0.89 21.19
C ASP B 388 32.76 1.25 21.66
N SER B 389 33.78 0.52 21.24
CA SER B 389 35.16 0.93 21.46
C SER B 389 35.54 2.22 20.72
N TYR B 390 34.75 2.66 19.74
CA TYR B 390 35.07 3.89 19.02
C TYR B 390 34.83 5.14 19.85
N TYR B 391 33.89 5.12 20.81
CA TYR B 391 33.53 6.32 21.55
C TYR B 391 34.67 6.75 22.48
N GLY B 392 35.05 8.01 22.41
CA GLY B 392 36.20 8.53 23.11
C GLY B 392 37.53 8.25 22.44
N LYS B 393 37.53 7.64 21.26
CA LYS B 393 38.78 7.35 20.55
C LYS B 393 38.67 7.85 19.11
N VAL B 394 37.76 7.27 18.33
CA VAL B 394 37.48 7.72 16.97
C VAL B 394 36.54 8.92 16.97
N THR B 395 35.52 8.91 17.85
CA THR B 395 34.47 9.92 17.83
C THR B 395 33.89 10.01 19.23
N THR B 396 33.29 11.16 19.53
CA THR B 396 32.36 11.25 20.65
C THR B 396 31.09 10.46 20.36
N MET B 397 30.48 9.94 21.41
CA MET B 397 29.11 9.51 21.29
C MET B 397 28.23 10.74 21.05
N PRO B 398 27.28 10.68 20.12
CA PRO B 398 26.42 11.85 19.92
C PRO B 398 25.69 12.19 21.21
N ASP B 399 25.55 13.49 21.43
CA ASP B 399 24.80 13.95 22.60
C ASP B 399 23.34 13.49 22.57
N ASP B 400 22.68 13.47 21.40
CA ASP B 400 21.28 13.09 21.46
C ASP B 400 21.13 11.60 21.76
N ALA B 401 22.05 10.76 21.26
CA ALA B 401 22.03 9.34 21.55
C ALA B 401 22.29 9.10 23.03
N LYS B 402 23.22 9.87 23.61
CA LYS B 402 23.56 9.62 24.99
C LYS B 402 22.39 9.99 25.90
N TRP B 403 21.76 11.13 25.61
CA TRP B 403 20.55 11.54 26.32
C TRP B 403 19.43 10.52 26.20
N ARG B 404 19.18 9.97 24.99
CA ARG B 404 18.13 8.97 24.82
C ARG B 404 18.45 7.69 25.61
N LEU B 405 19.69 7.23 25.57
CA LEU B 405 20.05 6.04 26.34
C LEU B 405 19.80 6.23 27.83
N ASP B 406 20.10 7.43 28.36
CA ASP B 406 19.80 7.72 29.77
C ASP B 406 18.29 7.73 30.04
N LEU B 407 17.48 8.27 29.12
CA LEU B 407 16.03 8.26 29.31
C LEU B 407 15.47 6.84 29.34
N ILE B 408 15.93 6.01 28.40
CA ILE B 408 15.50 4.61 28.34
C ILE B 408 15.81 3.91 29.66
N LYS B 409 17.03 4.08 30.15
CA LYS B 409 17.43 3.47 31.42
C LYS B 409 16.58 4.00 32.59
N GLU B 410 16.29 5.30 32.60
CA GLU B 410 15.61 5.91 33.73
C GLU B 410 14.13 5.52 33.76
N TYR B 411 13.44 5.65 32.64
CA TYR B 411 12.00 5.47 32.58
C TYR B 411 11.55 4.07 32.19
N TYR B 412 12.28 3.37 31.31
CA TYR B 412 11.73 2.19 30.65
C TYR B 412 12.32 0.85 31.09
N VAL B 413 13.64 0.75 31.27
CA VAL B 413 14.28 -0.50 31.65
C VAL B 413 13.66 -1.11 32.90
N PRO B 414 13.32 -0.36 33.97
CA PRO B 414 12.66 -1.01 35.11
C PRO B 414 11.37 -1.75 34.75
N TYR B 415 10.68 -1.38 33.67
CA TYR B 415 9.43 -2.01 33.30
C TYR B 415 9.54 -2.91 32.06
N MET B 416 10.74 -3.11 31.51
CA MET B 416 10.92 -4.10 30.44
C MET B 416 11.15 -5.44 31.12
N SER B 417 10.09 -6.13 31.41
CA SER B 417 10.26 -7.34 32.20
C SER B 417 10.46 -8.60 31.36
N ASN B 418 10.45 -8.50 30.03
CA ASN B 418 10.78 -9.65 29.17
C ASN B 418 12.30 -9.74 29.05
N VAL B 419 12.86 -10.84 29.54
CA VAL B 419 14.29 -11.06 29.52
C VAL B 419 14.83 -11.16 28.08
N ASN B 420 14.01 -11.62 27.15
CA ASN B 420 14.39 -11.78 25.76
C ASN B 420 13.50 -10.96 24.84
N ASN B 421 14.04 -10.52 23.71
CA ASN B 421 13.24 -10.13 22.57
C ASN B 421 13.53 -11.13 21.43
N TYR B 422 13.01 -10.85 20.24
CA TYR B 422 13.16 -11.85 19.16
C TYR B 422 14.50 -11.65 18.44
N PRO B 423 15.36 -12.67 18.37
CA PRO B 423 16.68 -12.49 17.74
C PRO B 423 16.59 -12.29 16.23
N ARG B 424 17.63 -11.70 15.68
CA ARG B 424 17.70 -11.43 14.25
C ARG B 424 18.22 -12.69 13.57
N VAL B 425 17.32 -13.52 13.09
CA VAL B 425 17.68 -14.78 12.44
C VAL B 425 17.70 -14.59 10.92
N PHE B 426 18.33 -15.53 10.23
CA PHE B 426 18.36 -15.54 8.78
C PHE B 426 17.68 -16.83 8.37
N MET B 427 16.40 -16.75 8.04
CA MET B 427 15.66 -17.96 7.71
C MET B 427 16.09 -18.52 6.35
N THR B 428 15.71 -19.76 6.09
CA THR B 428 15.90 -20.34 4.77
C THR B 428 14.97 -19.68 3.75
N GLN B 429 15.35 -19.78 2.48
CA GLN B 429 14.53 -19.18 1.45
C GLN B 429 13.11 -19.76 1.45
N GLU B 430 12.96 -21.07 1.67
CA GLU B 430 11.63 -21.66 1.76
C GLU B 430 10.80 -21.03 2.88
N ASP B 431 11.39 -20.83 4.05
CA ASP B 431 10.63 -20.29 5.17
C ASP B 431 10.33 -18.81 4.96
N LEU B 432 11.30 -18.08 4.39
CA LEU B 432 11.12 -16.68 4.05
C LEU B 432 9.96 -16.52 3.08
N ASP B 433 9.88 -17.35 2.06
CA ASP B 433 8.77 -17.20 1.12
C ASP B 433 7.44 -17.63 1.73
N LYS B 434 7.43 -18.61 2.64
CA LYS B 434 6.19 -18.92 3.34
C LYS B 434 5.75 -17.76 4.26
N ILE B 435 6.68 -17.15 5.01
CA ILE B 435 6.32 -16.03 5.89
C ILE B 435 5.80 -14.84 5.07
N ALA B 436 6.46 -14.54 3.94
CA ALA B 436 6.10 -13.40 3.11
C ALA B 436 4.70 -13.55 2.49
N HIS B 437 4.29 -14.79 2.17
CA HIS B 437 2.91 -15.01 1.71
C HIS B 437 1.92 -14.68 2.82
N ILE B 438 2.21 -15.10 4.05
CA ILE B 438 1.32 -14.85 5.17
C ILE B 438 1.24 -13.35 5.46
N GLU B 439 2.41 -12.69 5.51
CA GLU B 439 2.45 -11.28 5.86
C GLU B 439 1.76 -10.41 4.81
N ALA B 440 1.76 -10.85 3.54
CA ALA B 440 1.02 -10.16 2.48
C ALA B 440 -0.44 -9.93 2.86
N ASP B 441 -1.08 -10.91 3.49
CA ASP B 441 -2.42 -10.71 4.02
C ASP B 441 -2.40 -10.02 5.39
N MET B 442 -1.53 -10.47 6.29
CA MET B 442 -1.71 -10.11 7.71
C MET B 442 -1.41 -8.64 7.97
N ASN B 443 -0.31 -8.12 7.43
CA ASN B 443 0.24 -6.86 7.95
C ASN B 443 -0.75 -5.70 7.79
N ASP B 444 -1.25 -5.51 6.57
CA ASP B 444 -2.24 -4.46 6.31
C ASP B 444 -3.53 -4.72 7.07
N TYR B 445 -3.99 -5.99 7.08
CA TYR B 445 -5.22 -6.35 7.76
C TYR B 445 -5.21 -5.93 9.23
N ILE B 446 -4.09 -6.20 9.91
CA ILE B 446 -3.99 -5.85 11.34
C ILE B 446 -4.19 -4.35 11.55
N TYR B 447 -3.52 -3.51 10.75
CA TYR B 447 -3.62 -2.06 11.01
C TYR B 447 -4.98 -1.53 10.56
N ARG B 448 -5.51 -2.08 9.46
CA ARG B 448 -6.82 -1.73 8.96
C ARG B 448 -7.88 -1.96 10.01
N LYS B 449 -7.90 -3.14 10.64
CA LYS B 449 -8.93 -3.42 11.65
C LYS B 449 -8.73 -2.56 12.89
N ARG B 450 -7.48 -2.35 13.30
CA ARG B 450 -7.20 -1.49 14.46
C ARG B 450 -7.77 -0.10 14.25
N ALA B 451 -7.59 0.47 13.05
CA ALA B 451 -8.11 1.80 12.77
C ALA B 451 -9.64 1.80 12.70
N GLU B 452 -10.23 0.80 12.02
CA GLU B 452 -11.70 0.69 11.98
C GLU B 452 -12.29 0.69 13.38
N TRP B 453 -11.73 -0.12 14.28
CA TRP B 453 -12.30 -0.24 15.63
C TRP B 453 -12.16 1.05 16.43
N ILE B 454 -11.12 1.84 16.16
CA ILE B 454 -10.94 3.10 16.90
C ILE B 454 -11.96 4.12 16.44
N VAL B 455 -12.32 4.04 15.16
CA VAL B 455 -13.26 4.97 14.55
C VAL B 455 -14.71 4.49 14.64
N ASN B 456 -14.97 3.17 14.77
CA ASN B 456 -16.35 2.71 14.80
C ASN B 456 -16.80 2.06 16.10
N GLY B 457 -15.89 1.72 17.02
CA GLY B 457 -16.28 1.11 18.28
C GLY B 457 -16.86 -0.29 18.27
N ASN B 458 -16.64 -1.12 17.25
CA ASN B 458 -17.33 -2.40 17.22
C ASN B 458 -16.43 -3.60 17.54
N ILE B 459 -15.31 -3.38 18.24
CA ILE B 459 -14.35 -4.47 18.41
C ILE B 459 -15.00 -5.68 19.12
N ASP B 460 -15.90 -5.44 20.08
CA ASP B 460 -16.43 -6.56 20.85
C ASP B 460 -17.17 -7.55 19.95
N THR B 461 -17.89 -7.01 18.98
CA THR B 461 -18.69 -7.79 18.05
C THR B 461 -17.84 -8.46 16.98
N GLU B 462 -16.69 -7.89 16.63
CA GLU B 462 -15.92 -8.40 15.50
C GLU B 462 -14.67 -9.18 15.91
N TRP B 463 -14.34 -9.20 17.21
CA TRP B 463 -13.02 -9.65 17.65
C TRP B 463 -12.82 -11.12 17.32
N ASP B 464 -13.82 -11.96 17.57
CA ASP B 464 -13.69 -13.39 17.32
C ASP B 464 -13.55 -13.68 15.84
N ASP B 465 -14.32 -13.00 15.00
CA ASP B 465 -14.21 -13.23 13.56
C ASP B 465 -12.84 -12.83 13.07
N TYR B 466 -12.31 -11.72 13.60
CA TYR B 466 -10.95 -11.26 13.29
C TYR B 466 -9.90 -12.31 13.61
N LYS B 467 -9.98 -12.94 14.78
CA LYS B 467 -9.00 -13.99 15.09
C LYS B 467 -9.18 -15.20 14.17
N LYS B 468 -10.43 -15.52 13.80
CA LYS B 468 -10.66 -16.59 12.83
C LYS B 468 -10.04 -16.24 11.48
N GLU B 469 -10.10 -14.97 11.09
CA GLU B 469 -9.49 -14.54 9.84
C GLU B 469 -7.97 -14.62 9.89
N LEU B 470 -7.37 -14.24 11.01
CA LEU B 470 -5.93 -14.37 11.14
C LEU B 470 -5.51 -15.82 10.96
N GLU B 471 -6.26 -16.74 11.56
CA GLU B 471 -5.95 -18.15 11.39
C GLU B 471 -6.11 -18.59 9.95
N LYS B 472 -7.13 -18.08 9.24
CA LYS B 472 -7.27 -18.35 7.81
C LYS B 472 -6.04 -17.89 7.05
N TYR B 473 -5.48 -16.73 7.41
CA TYR B 473 -4.29 -16.27 6.74
C TYR B 473 -3.02 -17.05 7.10
N GLY B 474 -3.09 -18.02 8.01
CA GLY B 474 -1.92 -18.80 8.38
C GLY B 474 -1.18 -18.39 9.65
N LEU B 475 -1.84 -17.68 10.59
CA LEU B 475 -1.18 -17.25 11.82
C LEU B 475 -0.49 -18.39 12.56
N SER B 476 -1.14 -19.56 12.69
CA SER B 476 -0.54 -20.61 13.49
C SER B 476 0.71 -21.22 12.82
N ASP B 477 0.73 -21.31 11.48
CA ASP B 477 1.95 -21.70 10.77
C ASP B 477 3.03 -20.64 10.92
N TYR B 478 2.66 -19.37 10.81
CA TYR B 478 3.58 -18.25 11.00
C TYR B 478 4.29 -18.37 12.33
N LEU B 479 3.51 -18.57 13.40
CA LEU B 479 4.04 -18.64 14.75
C LEU B 479 4.94 -19.84 14.93
N ALA B 480 4.56 -20.99 14.35
CA ALA B 480 5.39 -22.19 14.45
C ALA B 480 6.75 -21.98 13.79
N ILE B 481 6.80 -21.28 12.66
CA ILE B 481 8.07 -20.97 12.02
C ILE B 481 8.87 -20.02 12.90
N LYS B 482 8.23 -18.96 13.43
CA LYS B 482 9.00 -18.05 14.28
C LYS B 482 9.52 -18.79 15.50
N GLN B 483 8.72 -19.69 16.07
CA GLN B 483 9.15 -20.40 17.26
C GLN B 483 10.30 -21.35 16.95
N LYS B 484 10.24 -22.03 15.80
CA LYS B 484 11.34 -22.89 15.36
C LYS B 484 12.68 -22.17 15.35
N TYR B 485 12.74 -20.97 14.76
CA TYR B 485 14.02 -20.28 14.68
C TYR B 485 14.45 -19.70 16.02
N TYR B 486 13.51 -19.25 16.85
CA TYR B 486 13.86 -18.84 18.21
C TYR B 486 14.52 -19.98 18.96
N ASP B 487 13.92 -21.18 18.89
CA ASP B 487 14.45 -22.35 19.58
C ASP B 487 15.83 -22.73 19.06
N GLN B 488 16.02 -22.67 17.75
CA GLN B 488 17.34 -22.96 17.18
C GLN B 488 18.36 -21.93 17.63
N TYR B 489 17.97 -20.66 17.67
CA TYR B 489 18.87 -19.62 18.17
C TYR B 489 19.29 -19.91 19.61
N GLN B 490 18.35 -20.26 20.48
CA GLN B 490 18.73 -20.49 21.88
C GLN B 490 19.62 -21.73 22.00
N ALA B 491 19.41 -22.74 21.16
CA ALA B 491 20.21 -23.95 21.19
C ALA B 491 21.66 -23.77 20.74
N ASN B 492 21.98 -22.76 19.93
CA ASN B 492 23.38 -22.55 19.49
C ASN B 492 24.16 -21.64 20.43
N LYS B 493 23.76 -21.50 21.68
CA LYS B 493 24.48 -20.63 22.61
C LYS B 493 25.25 -21.46 23.61
#